data_8J7H
#
_entry.id   8J7H
#
_cell.length_a   1.00
_cell.length_b   1.00
_cell.length_c   1.00
_cell.angle_alpha   90.00
_cell.angle_beta   90.00
_cell.angle_gamma   90.00
#
_symmetry.space_group_name_H-M   'P 1'
#
loop_
_entity.id
_entity.type
_entity.pdbx_description
1 polymer 'ion channel'
2 polymer ILE-ALA-ALA-ILE-HIS-ASN-ALA-ARG-ARG-LYS-LYS-ARG-GLU-ALA-ALA-ALA-ALA-HIS-LYS-ALA
3 water water
#
loop_
_entity_poly.entity_id
_entity_poly.type
_entity_poly.pdbx_seq_one_letter_code
_entity_poly.pdbx_strand_id
1 'polypeptide(L)'
;MIAAIHNARRKKREAAAAHKAQHRTAENSMDSLEDSTHETDAGERAQAGSTKLAWTDVVAPPPRKVVFWLPHQRKVFDFY
ASQGVQYFTAFLIVSNFIFNCAEKEWDPYTDQLYQGLWRWGEFAFNTMFLIELLINFYGIAFCFWRYNWAWNTFDLVVVA
IGTLTMAEAIGGNFMPPSMALIRNLRAFRIFRLFKRIKSLNKIIVSLGKAIPGVANAFVIMVIIMCIYAILGVEFYHMTG
SDGTYVTYNDNVKRGLCTGDEVELGQCSLNQTVSSETARGYTYGEEYYGTFFRALYTLFQVLTGESWSEAVARPAVFESH
YDSFGPVLFYVSFIIICQIVLINVVVAVLLDKMVEEDDSEDPEKQTVAEKLSEMLSQEHAQLREIFRTWDEDNSGTISIK
EWRKAVKSMGYRGPIDVLDQIFASMDKDHSGELDYAEIDRMLSPTAARERRSSTHANPKRSVKEEVVAMRAEFTDHVARL
ETQIAALVLELQLQRKPCGAEAPAPAHSRLAHDSDGAPTEPPPPAAPDHHHLEDDEDTTQRVAAALEVLFQGPSKGEELF
TGVVPILVELDGDVNGHKFSVRGEGEGDATNGKLTLKFICTTGKLPVPWPTLVTTLTYGVQCFSRYPDHMKRHDFFKSAM
PEGYVQERTISFKDDGTYKTRAEVKFEGDTLVNRIELKGIDFKEDGNILGHKLEYNFNSHNVYITADKQKNGIKANFKIR
HNVEDGSVQLADHYQQNTPIGDGPVLLPDNHYLSTQSVLSKDPNEKRDHMVLLEFVTAAGITHGMDEWSHPQFEKGGGSG
GGSGGSAWSHPQFEK
;
A,B,C,D
2 'polypeptide(L)' IAAIHNARRKKREAAAAHKA E
#
# COMPACT_ATOMS: atom_id res chain seq x y z
N TRP A 69 25.43 -46.77 -26.46
CA TRP A 69 24.67 -47.00 -25.24
C TRP A 69 25.37 -48.00 -24.33
N LEU A 70 25.41 -47.69 -23.04
CA LEU A 70 26.03 -48.57 -22.07
C LEU A 70 25.20 -49.83 -21.88
N PRO A 71 25.83 -50.95 -21.50
CA PRO A 71 25.07 -52.19 -21.34
C PRO A 71 23.97 -52.11 -20.29
N HIS A 72 24.29 -51.60 -19.10
CA HIS A 72 23.32 -51.48 -18.01
C HIS A 72 22.77 -50.07 -17.89
N GLN A 73 22.59 -49.38 -19.01
CA GLN A 73 22.11 -48.02 -19.02
C GLN A 73 20.59 -47.90 -18.94
N ARG A 74 19.87 -48.75 -19.68
CA ARG A 74 18.41 -48.63 -19.71
C ARG A 74 17.80 -48.93 -18.35
N LYS A 75 18.31 -49.94 -17.64
CA LYS A 75 17.75 -50.31 -16.35
C LYS A 75 17.86 -49.15 -15.36
N VAL A 76 19.05 -48.55 -15.26
CA VAL A 76 19.22 -47.42 -14.34
C VAL A 76 18.44 -46.20 -14.83
N PHE A 77 18.29 -46.06 -16.15
CA PHE A 77 17.51 -44.94 -16.68
C PHE A 77 16.06 -45.01 -16.23
N ASP A 78 15.42 -46.16 -16.42
CA ASP A 78 14.06 -46.31 -15.91
C ASP A 78 14.01 -46.36 -14.38
N PHE A 79 15.12 -46.72 -13.72
CA PHE A 79 15.14 -46.69 -12.27
C PHE A 79 15.08 -45.27 -11.74
N TYR A 80 15.80 -44.35 -12.36
CA TYR A 80 15.78 -42.95 -11.90
C TYR A 80 14.43 -42.30 -12.15
N ALA A 81 13.71 -42.71 -13.20
CA ALA A 81 12.40 -42.15 -13.52
C ALA A 81 11.29 -42.74 -12.65
N SER A 82 11.64 -43.58 -11.69
CA SER A 82 10.65 -44.16 -10.78
C SER A 82 10.09 -43.07 -9.86
N GLN A 83 8.79 -43.15 -9.59
CA GLN A 83 8.14 -42.14 -8.76
C GLN A 83 8.71 -42.14 -7.34
N GLY A 84 9.02 -43.31 -6.80
CA GLY A 84 9.61 -43.37 -5.47
C GLY A 84 10.97 -42.69 -5.42
N VAL A 85 11.80 -42.91 -6.43
CA VAL A 85 13.11 -42.25 -6.48
C VAL A 85 12.95 -40.75 -6.64
N GLN A 86 11.99 -40.31 -7.45
CA GLN A 86 11.76 -38.87 -7.61
C GLN A 86 11.31 -38.24 -6.30
N TYR A 87 10.42 -38.91 -5.56
CA TYR A 87 10.00 -38.37 -4.28
C TYR A 87 11.12 -38.40 -3.25
N PHE A 88 11.99 -39.41 -3.30
CA PHE A 88 13.14 -39.41 -2.39
C PHE A 88 14.08 -38.25 -2.71
N THR A 89 14.31 -37.98 -3.99
CA THR A 89 15.14 -36.83 -4.37
C THR A 89 14.49 -35.52 -3.94
N ALA A 90 13.16 -35.42 -4.09
CA ALA A 90 12.45 -34.24 -3.64
C ALA A 90 12.60 -34.05 -2.14
N PHE A 91 12.47 -35.13 -1.38
CA PHE A 91 12.69 -35.06 0.06
C PHE A 91 14.11 -34.63 0.38
N LEU A 92 15.09 -35.11 -0.39
CA LEU A 92 16.47 -34.69 -0.19
C LEU A 92 16.64 -33.19 -0.43
N ILE A 93 16.04 -32.67 -1.49
CA ILE A 93 16.14 -31.24 -1.79
C ILE A 93 15.47 -30.41 -0.69
N VAL A 94 14.29 -30.84 -0.26
CA VAL A 94 13.59 -30.12 0.80
C VAL A 94 14.38 -30.17 2.10
N SER A 95 14.99 -31.32 2.40
CA SER A 95 15.81 -31.44 3.60
C SER A 95 17.04 -30.54 3.52
N ASN A 96 17.65 -30.42 2.35
CA ASN A 96 18.77 -29.50 2.19
C ASN A 96 18.33 -28.05 2.38
N PHE A 97 17.15 -27.70 1.85
CA PHE A 97 16.62 -26.35 2.03
C PHE A 97 16.38 -26.07 3.50
N ILE A 98 15.80 -27.04 4.22
CA ILE A 98 15.55 -26.87 5.65
C ILE A 98 16.87 -26.80 6.41
N PHE A 99 17.88 -27.54 5.97
CA PHE A 99 19.20 -27.45 6.60
C PHE A 99 19.80 -26.06 6.44
N ASN A 100 19.70 -25.48 5.24
CA ASN A 100 20.17 -24.12 5.03
C ASN A 100 19.41 -23.12 5.88
N CYS A 101 18.07 -23.28 5.96
CA CYS A 101 17.26 -22.39 6.77
C CYS A 101 17.64 -22.49 8.25
N ALA A 102 17.85 -23.71 8.73
CA ALA A 102 18.25 -23.91 10.13
C ALA A 102 19.63 -23.32 10.39
N GLU A 103 20.54 -23.46 9.42
CA GLU A 103 21.86 -22.85 9.57
C GLU A 103 21.75 -21.34 9.69
N LYS A 104 20.92 -20.73 8.84
CA LYS A 104 20.77 -19.28 8.88
C LYS A 104 19.96 -18.81 10.09
N GLU A 105 19.21 -19.72 10.71
CA GLU A 105 18.39 -19.34 11.87
C GLU A 105 19.17 -19.49 13.17
N TRP A 106 19.66 -20.68 13.47
CA TRP A 106 20.26 -20.95 14.77
C TRP A 106 21.74 -20.64 14.84
N ASP A 107 22.40 -20.38 13.70
CA ASP A 107 23.84 -20.11 13.68
C ASP A 107 24.24 -19.44 12.37
N PRO A 108 23.82 -18.18 12.17
CA PRO A 108 24.31 -17.43 11.00
C PRO A 108 25.50 -16.53 11.28
N TYR A 109 26.03 -16.55 12.49
CA TYR A 109 26.99 -15.56 12.93
C TYR A 109 28.34 -15.78 12.26
N THR A 110 29.18 -14.73 12.29
CA THR A 110 30.54 -14.87 11.77
C THR A 110 31.34 -15.85 12.61
N ASP A 111 31.22 -15.77 13.93
CA ASP A 111 31.79 -16.77 14.84
C ASP A 111 30.75 -17.84 15.05
N GLN A 112 30.73 -18.81 14.13
CA GLN A 112 29.76 -19.90 14.21
C GLN A 112 30.05 -20.82 15.37
N LEU A 113 29.00 -21.26 16.05
CA LEU A 113 29.11 -22.11 17.23
C LEU A 113 29.24 -23.58 16.85
N TYR A 114 28.35 -24.05 15.97
CA TYR A 114 28.37 -25.42 15.47
C TYR A 114 28.81 -25.34 14.01
N GLN A 115 30.13 -25.34 13.82
CA GLN A 115 30.74 -25.01 12.53
C GLN A 115 30.83 -26.25 11.65
N GLY A 116 31.50 -27.28 12.16
CA GLY A 116 31.57 -28.53 11.44
C GLY A 116 30.22 -29.14 11.17
N LEU A 117 29.22 -28.83 11.99
CA LEU A 117 27.89 -29.38 11.76
C LEU A 117 27.38 -29.01 10.38
N TRP A 118 27.30 -27.71 10.10
CA TRP A 118 26.89 -27.28 8.76
C TRP A 118 27.91 -27.67 7.70
N ARG A 119 29.20 -27.59 8.01
CA ARG A 119 30.20 -27.95 7.00
C ARG A 119 30.01 -29.37 6.50
N TRP A 120 29.93 -30.34 7.42
CA TRP A 120 29.77 -31.73 7.03
C TRP A 120 28.36 -32.04 6.55
N GLY A 121 27.34 -31.30 7.01
CA GLY A 121 26.02 -31.48 6.44
C GLY A 121 25.99 -31.12 4.97
N GLU A 122 26.59 -29.98 4.62
CA GLU A 122 26.72 -29.61 3.21
C GLU A 122 27.57 -30.64 2.47
N PHE A 123 28.64 -31.13 3.09
CA PHE A 123 29.47 -32.17 2.48
C PHE A 123 28.62 -33.38 2.09
N ALA A 124 27.85 -33.90 3.04
CA ALA A 124 27.02 -35.08 2.78
C ALA A 124 25.95 -34.79 1.74
N PHE A 125 25.33 -33.62 1.81
CA PHE A 125 24.29 -33.28 0.84
C PHE A 125 24.85 -33.21 -0.57
N ASN A 126 26.00 -32.56 -0.75
CA ASN A 126 26.61 -32.50 -2.07
C ASN A 126 27.04 -33.88 -2.54
N THR A 127 27.54 -34.73 -1.63
CA THR A 127 27.93 -36.08 -2.01
C THR A 127 26.72 -36.87 -2.51
N MET A 128 25.60 -36.79 -1.79
CA MET A 128 24.40 -37.51 -2.20
C MET A 128 23.87 -36.97 -3.52
N PHE A 129 23.90 -35.64 -3.70
CA PHE A 129 23.46 -35.07 -4.97
C PHE A 129 24.39 -35.48 -6.10
N LEU A 130 25.68 -35.62 -5.84
CA LEU A 130 26.62 -36.12 -6.83
C LEU A 130 26.27 -37.55 -7.23
N ILE A 131 26.01 -38.42 -6.24
CA ILE A 131 25.71 -39.82 -6.55
C ILE A 131 24.41 -39.92 -7.35
N GLU A 132 23.38 -39.17 -6.93
CA GLU A 132 22.12 -39.19 -7.68
C GLU A 132 22.23 -38.56 -9.06
N LEU A 133 23.04 -37.51 -9.22
CA LEU A 133 23.29 -36.94 -10.55
C LEU A 133 24.00 -37.94 -11.44
N LEU A 134 25.00 -38.65 -10.91
CA LEU A 134 25.68 -39.65 -11.71
C LEU A 134 24.73 -40.75 -12.12
N ILE A 135 23.82 -41.14 -11.21
CA ILE A 135 22.76 -42.08 -11.60
C ILE A 135 21.92 -41.50 -12.72
N ASN A 136 21.58 -40.20 -12.65
CA ASN A 136 20.78 -39.60 -13.71
C ASN A 136 21.50 -39.61 -15.05
N PHE A 137 22.78 -39.28 -15.06
CA PHE A 137 23.49 -39.14 -16.33
C PHE A 137 23.87 -40.50 -16.90
N TYR A 138 24.09 -41.51 -16.04
CA TYR A 138 24.49 -42.81 -16.54
C TYR A 138 23.39 -43.46 -17.36
N GLY A 139 22.13 -43.10 -17.07
CA GLY A 139 21.02 -43.59 -17.88
C GLY A 139 20.84 -42.86 -19.20
N ILE A 140 21.54 -41.73 -19.38
CA ILE A 140 21.47 -40.98 -20.62
C ILE A 140 22.86 -40.93 -21.29
N ALA A 141 23.74 -41.84 -20.89
CA ALA A 141 25.08 -41.97 -21.46
C ALA A 141 25.90 -40.70 -21.34
N PHE A 142 25.72 -39.94 -20.25
CA PHE A 142 26.47 -38.72 -19.97
C PHE A 142 26.29 -37.67 -21.05
N CYS A 143 25.22 -37.76 -21.83
CA CYS A 143 25.01 -36.93 -23.01
C CYS A 143 24.35 -35.60 -22.67
N PHE A 144 23.19 -35.65 -22.01
CA PHE A 144 22.42 -34.49 -21.53
C PHE A 144 22.22 -33.39 -22.57
N TRP A 145 22.35 -33.71 -23.86
CA TRP A 145 21.94 -32.76 -24.88
C TRP A 145 20.52 -33.03 -25.35
N ARG A 146 20.13 -34.30 -25.42
CA ARG A 146 18.88 -34.69 -26.07
C ARG A 146 17.70 -34.75 -25.11
N TYR A 147 17.94 -35.03 -23.82
CA TYR A 147 16.86 -35.28 -22.87
C TYR A 147 16.93 -34.27 -21.74
N ASN A 148 15.96 -33.36 -21.68
CA ASN A 148 15.79 -32.39 -20.61
C ASN A 148 17.08 -31.60 -20.37
N TRP A 149 17.48 -30.84 -21.40
CA TRP A 149 18.77 -30.16 -21.37
C TRP A 149 18.83 -29.11 -20.27
N ALA A 150 17.77 -28.30 -20.10
CA ALA A 150 17.84 -27.18 -19.18
C ALA A 150 17.91 -27.63 -17.73
N TRP A 151 17.04 -28.56 -17.33
CA TRP A 151 17.08 -29.05 -15.97
C TRP A 151 18.39 -29.79 -15.69
N ASN A 152 18.88 -30.56 -16.66
CA ASN A 152 20.15 -31.25 -16.47
C ASN A 152 21.31 -30.29 -16.29
N THR A 153 21.36 -29.22 -17.10
CA THR A 153 22.47 -28.28 -16.93
C THR A 153 22.35 -27.49 -15.63
N PHE A 154 21.13 -27.15 -15.20
CA PHE A 154 20.96 -26.50 -13.91
C PHE A 154 21.45 -27.42 -12.78
N ASP A 155 21.07 -28.70 -12.85
CA ASP A 155 21.56 -29.67 -11.87
C ASP A 155 23.08 -29.73 -11.89
N LEU A 156 23.63 -29.74 -13.10
CA LEU A 156 25.08 -29.78 -13.24
C LEU A 156 25.68 -28.61 -12.51
N VAL A 157 25.20 -27.40 -12.77
CA VAL A 157 25.85 -26.23 -12.16
C VAL A 157 25.78 -26.25 -10.62
N VAL A 158 24.63 -26.61 -10.07
CA VAL A 158 24.55 -26.70 -8.61
C VAL A 158 25.47 -27.79 -8.03
N VAL A 159 25.55 -28.96 -8.65
CA VAL A 159 26.47 -29.96 -8.11
C VAL A 159 27.90 -29.47 -8.23
N ALA A 160 28.21 -28.75 -9.30
CA ALA A 160 29.54 -28.22 -9.51
C ALA A 160 29.90 -27.25 -8.41
N ILE A 161 28.95 -26.41 -8.02
CA ILE A 161 29.27 -25.53 -6.91
C ILE A 161 29.37 -26.36 -5.64
N GLY A 162 28.62 -27.45 -5.55
CA GLY A 162 28.73 -28.33 -4.40
C GLY A 162 30.07 -29.03 -4.30
N THR A 163 30.55 -29.57 -5.42
CA THR A 163 31.87 -30.21 -5.46
C THR A 163 32.97 -29.20 -5.19
N LEU A 164 32.80 -27.98 -5.69
CA LEU A 164 33.75 -26.91 -5.38
C LEU A 164 33.78 -26.64 -3.88
N THR A 165 32.62 -26.56 -3.24
CA THR A 165 32.57 -26.34 -1.80
C THR A 165 33.23 -27.48 -1.03
N MET A 166 32.93 -28.73 -1.42
CA MET A 166 33.58 -29.87 -0.75
C MET A 166 35.09 -29.87 -0.96
N ALA A 167 35.54 -29.55 -2.16
CA ALA A 167 36.97 -29.49 -2.43
C ALA A 167 37.64 -28.39 -1.60
N GLU A 168 37.00 -27.24 -1.44
CA GLU A 168 37.53 -26.21 -0.55
C GLU A 168 37.52 -26.64 0.91
N ALA A 169 36.49 -27.36 1.35
CA ALA A 169 36.46 -27.85 2.74
C ALA A 169 37.50 -28.92 2.98
N ILE A 170 37.90 -29.66 1.96
CA ILE A 170 38.90 -30.73 2.11
C ILE A 170 40.32 -30.20 2.01
N GLY A 171 40.63 -29.45 0.94
CA GLY A 171 42.01 -29.10 0.66
C GLY A 171 42.33 -27.62 0.60
N GLY A 172 41.74 -26.83 1.48
CA GLY A 172 42.09 -25.42 1.59
C GLY A 172 41.31 -24.55 0.62
N ASN A 173 41.72 -23.28 0.59
CA ASN A 173 41.04 -22.27 -0.23
C ASN A 173 41.72 -22.17 -1.60
N PHE A 174 41.14 -22.89 -2.55
CA PHE A 174 41.61 -22.87 -3.93
C PHE A 174 40.99 -21.75 -4.76
N MET A 175 40.13 -20.93 -4.16
CA MET A 175 39.44 -19.86 -4.86
C MET A 175 39.76 -18.50 -4.26
N PRO A 176 39.75 -17.44 -5.06
CA PRO A 176 39.87 -16.10 -4.48
C PRO A 176 38.63 -15.75 -3.67
N PRO A 177 38.76 -14.82 -2.72
CA PRO A 177 37.60 -14.48 -1.87
C PRO A 177 36.58 -13.60 -2.61
N SER A 178 36.73 -13.45 -3.92
CA SER A 178 35.88 -12.59 -4.72
C SER A 178 34.74 -13.33 -5.38
N MET A 179 34.51 -14.60 -5.05
CA MET A 179 33.46 -15.40 -5.68
C MET A 179 32.59 -16.06 -4.63
N ALA A 180 32.27 -15.34 -3.55
CA ALA A 180 31.34 -15.87 -2.55
C ALA A 180 29.92 -15.94 -3.09
N LEU A 181 29.56 -15.01 -4.00
CA LEU A 181 28.24 -15.04 -4.60
C LEU A 181 27.99 -16.31 -5.41
N ILE A 182 29.05 -16.91 -5.96
CA ILE A 182 28.92 -18.19 -6.63
C ILE A 182 28.70 -19.33 -5.63
N ARG A 183 29.41 -19.31 -4.49
CA ARG A 183 29.11 -20.24 -3.41
C ARG A 183 27.68 -20.07 -2.90
N ASN A 184 27.11 -18.87 -3.07
CA ASN A 184 25.78 -18.57 -2.57
C ASN A 184 24.68 -19.35 -3.27
N LEU A 185 25.01 -20.02 -4.38
CA LEU A 185 24.02 -20.72 -5.20
C LEU A 185 23.36 -21.89 -4.49
N ARG A 186 23.91 -22.32 -3.35
CA ARG A 186 23.29 -23.43 -2.61
C ARG A 186 21.87 -23.11 -2.17
N ALA A 187 21.56 -21.82 -2.00
CA ALA A 187 20.20 -21.44 -1.59
C ALA A 187 19.19 -21.67 -2.70
N PHE A 188 19.64 -21.72 -3.95
CA PHE A 188 18.77 -21.90 -5.10
C PHE A 188 18.61 -23.37 -5.48
N ARG A 189 19.10 -24.30 -4.65
CA ARG A 189 18.93 -25.72 -4.94
C ARG A 189 17.46 -26.14 -4.83
N ILE A 190 16.65 -25.38 -4.09
CA ILE A 190 15.25 -25.75 -3.91
C ILE A 190 14.50 -25.66 -5.23
N PHE A 191 15.02 -24.88 -6.18
CA PHE A 191 14.40 -24.82 -7.50
C PHE A 191 14.39 -26.18 -8.20
N ARG A 192 15.26 -27.10 -7.79
CA ARG A 192 15.21 -28.45 -8.32
C ARG A 192 13.93 -29.16 -7.94
N LEU A 193 13.35 -28.78 -6.79
CA LEU A 193 12.11 -29.41 -6.33
C LEU A 193 10.97 -29.15 -7.31
N PHE A 194 10.98 -27.99 -7.97
CA PHE A 194 9.89 -27.62 -8.87
C PHE A 194 9.72 -28.61 -10.01
N LYS A 195 10.77 -29.31 -10.42
CA LYS A 195 10.64 -30.38 -11.39
C LYS A 195 10.06 -31.65 -10.79
N ARG A 196 10.23 -31.85 -9.47
CA ARG A 196 9.72 -33.05 -8.83
C ARG A 196 8.20 -33.05 -8.73
N ILE A 197 7.60 -31.90 -8.44
CA ILE A 197 6.15 -31.82 -8.23
C ILE A 197 5.51 -31.12 -9.43
N LYS A 198 4.44 -31.72 -9.95
CA LYS A 198 3.86 -31.24 -11.20
C LYS A 198 3.16 -29.89 -11.06
N SER A 199 2.51 -29.61 -9.93
CA SER A 199 1.74 -28.38 -9.81
C SER A 199 2.63 -27.15 -9.76
N LEU A 200 3.69 -27.20 -8.95
CA LEU A 200 4.65 -26.11 -8.90
C LEU A 200 5.32 -25.92 -10.26
N ASN A 201 5.61 -27.02 -10.96
CA ASN A 201 6.14 -26.92 -12.31
C ASN A 201 5.17 -26.21 -13.24
N LYS A 202 3.88 -26.55 -13.14
CA LYS A 202 2.87 -25.87 -13.96
C LYS A 202 2.87 -24.38 -13.69
N ILE A 203 2.91 -23.99 -12.42
CA ILE A 203 2.82 -22.58 -12.08
C ILE A 203 4.05 -21.82 -12.59
N ILE A 204 5.25 -22.38 -12.37
CA ILE A 204 6.45 -21.66 -12.80
C ILE A 204 6.54 -21.62 -14.32
N VAL A 205 6.12 -22.69 -15.00
CA VAL A 205 6.10 -22.69 -16.46
C VAL A 205 5.13 -21.65 -16.99
N SER A 206 3.96 -21.52 -16.36
CA SER A 206 3.01 -20.48 -16.76
C SER A 206 3.58 -19.09 -16.54
N LEU A 207 4.28 -18.88 -15.43
CA LEU A 207 4.92 -17.58 -15.20
C LEU A 207 5.94 -17.28 -16.30
N GLY A 208 6.75 -18.28 -16.65
CA GLY A 208 7.75 -18.09 -17.69
C GLY A 208 7.15 -17.80 -19.05
N LYS A 209 6.03 -18.46 -19.37
CA LYS A 209 5.37 -18.24 -20.65
C LYS A 209 4.47 -17.00 -20.65
N ALA A 210 4.24 -16.38 -19.49
CA ALA A 210 3.49 -15.14 -19.42
C ALA A 210 4.38 -13.90 -19.33
N ILE A 211 5.64 -14.05 -18.93
CA ILE A 211 6.56 -12.91 -18.88
C ILE A 211 6.67 -12.19 -20.22
N PRO A 212 6.82 -12.88 -21.37
CA PRO A 212 6.92 -12.15 -22.64
C PRO A 212 5.73 -11.26 -22.95
N GLY A 213 4.53 -11.62 -22.50
CA GLY A 213 3.39 -10.74 -22.64
C GLY A 213 3.55 -9.48 -21.81
N VAL A 214 4.18 -9.64 -20.63
CA VAL A 214 4.44 -8.49 -19.77
C VAL A 214 5.44 -7.54 -20.41
N ALA A 215 6.42 -8.10 -21.12
CA ALA A 215 7.59 -7.34 -21.59
C ALA A 215 7.27 -5.96 -22.17
N ASN A 216 6.24 -5.86 -23.01
CA ASN A 216 5.97 -4.60 -23.71
C ASN A 216 5.47 -3.53 -22.75
N ALA A 217 4.47 -3.87 -21.93
CA ALA A 217 3.99 -2.91 -20.94
C ALA A 217 5.07 -2.59 -19.92
N PHE A 218 5.92 -3.56 -19.59
CA PHE A 218 7.02 -3.31 -18.67
C PHE A 218 8.01 -2.30 -19.25
N VAL A 219 8.32 -2.42 -20.55
CA VAL A 219 9.26 -1.47 -21.13
C VAL A 219 8.62 -0.09 -21.26
N ILE A 220 7.31 -0.03 -21.50
CA ILE A 220 6.63 1.27 -21.45
C ILE A 220 6.76 1.89 -20.05
N MET A 221 6.54 1.08 -19.02
CA MET A 221 6.70 1.56 -17.66
C MET A 221 8.10 2.11 -17.42
N VAL A 222 9.12 1.36 -17.81
CA VAL A 222 10.48 1.78 -17.50
C VAL A 222 10.85 3.01 -18.33
N ILE A 223 10.31 3.14 -19.55
CA ILE A 223 10.53 4.35 -20.34
C ILE A 223 9.97 5.57 -19.62
N ILE A 224 8.74 5.46 -19.15
CA ILE A 224 8.11 6.60 -18.46
C ILE A 224 8.84 6.87 -17.15
N MET A 225 9.28 5.82 -16.46
CA MET A 225 10.04 5.97 -15.23
C MET A 225 11.34 6.73 -15.47
N CYS A 226 12.05 6.40 -16.55
CA CYS A 226 13.27 7.12 -16.87
C CYS A 226 13.01 8.56 -17.29
N ILE A 227 11.89 8.81 -17.98
CA ILE A 227 11.52 10.18 -18.31
C ILE A 227 11.35 11.00 -17.02
N TYR A 228 10.55 10.47 -16.09
CA TYR A 228 10.34 11.18 -14.84
C TYR A 228 11.62 11.29 -14.03
N ALA A 229 12.54 10.32 -14.18
CA ALA A 229 13.81 10.39 -13.49
C ALA A 229 14.68 11.51 -14.02
N ILE A 230 14.72 11.67 -15.36
CA ILE A 230 15.44 12.79 -15.95
C ILE A 230 14.87 14.11 -15.45
N LEU A 231 13.53 14.23 -15.47
CA LEU A 231 12.90 15.46 -14.99
C LEU A 231 13.23 15.71 -13.52
N GLY A 232 13.17 14.67 -12.69
CA GLY A 232 13.43 14.84 -11.28
C GLY A 232 14.87 15.21 -10.98
N VAL A 233 15.83 14.61 -11.70
CA VAL A 233 17.23 14.99 -11.53
C VAL A 233 17.42 16.44 -11.93
N GLU A 234 16.78 16.87 -13.02
CA GLU A 234 16.96 18.24 -13.47
C GLU A 234 16.35 19.23 -12.50
N PHE A 235 15.21 18.89 -11.90
CA PHE A 235 14.52 19.82 -11.01
C PHE A 235 15.11 19.81 -9.60
N TYR A 236 15.05 18.67 -8.93
CA TYR A 236 15.21 18.62 -7.48
C TYR A 236 16.59 18.12 -7.02
N HIS A 237 17.55 17.94 -7.92
CA HIS A 237 18.87 17.49 -7.48
C HIS A 237 19.59 18.55 -6.67
N MET A 238 19.06 19.78 -6.69
CA MET A 238 19.67 20.91 -6.02
C MET A 238 18.90 21.29 -4.76
N THR A 239 17.85 20.53 -4.44
CA THR A 239 16.90 20.90 -3.39
C THR A 239 17.46 20.59 -2.01
N GLY A 240 17.29 21.54 -1.09
CA GLY A 240 17.78 21.37 0.27
C GLY A 240 19.28 21.18 0.32
N SER A 241 20.01 21.84 -0.58
CA SER A 241 21.42 21.57 -0.75
C SER A 241 22.24 22.10 0.44
N ASP A 242 21.86 23.26 0.97
CA ASP A 242 22.53 23.76 2.17
C ASP A 242 22.35 22.78 3.34
N GLY A 243 21.35 21.91 3.24
CA GLY A 243 20.95 21.03 4.31
C GLY A 243 19.69 21.46 5.01
N THR A 244 19.31 22.73 4.87
CA THR A 244 18.09 23.26 5.42
C THR A 244 17.35 24.03 4.32
N TYR A 245 16.03 23.88 4.28
CA TYR A 245 15.21 24.61 3.32
C TYR A 245 14.13 25.38 4.07
N VAL A 246 13.63 26.43 3.42
CA VAL A 246 12.73 27.39 4.05
C VAL A 246 11.32 27.17 3.53
N THR A 247 10.39 26.93 4.44
CA THR A 247 8.97 26.93 4.17
C THR A 247 8.35 28.18 4.77
N TYR A 248 7.30 28.70 4.12
CA TYR A 248 6.73 29.98 4.48
C TYR A 248 5.37 29.77 5.17
N ASN A 249 5.27 30.27 6.39
CA ASN A 249 4.01 30.23 7.14
C ASN A 249 3.03 31.25 6.58
N ASP A 250 1.80 31.18 7.07
CA ASP A 250 0.76 32.14 6.73
C ASP A 250 0.07 32.61 8.01
N ASN A 251 0.88 32.88 9.04
CA ASN A 251 0.35 33.04 10.40
C ASN A 251 -0.55 34.28 10.51
N VAL A 252 -0.14 35.40 9.91
CA VAL A 252 -0.91 36.63 10.07
C VAL A 252 -2.31 36.47 9.52
N LYS A 253 -2.49 35.83 8.38
CA LYS A 253 -3.87 35.62 7.93
C LYS A 253 -4.68 34.63 8.78
N ARG A 254 -4.02 33.74 9.51
CA ARG A 254 -4.71 32.74 10.34
C ARG A 254 -5.04 33.25 11.73
N GLY A 255 -4.55 34.43 12.08
CA GLY A 255 -4.81 34.98 13.39
C GLY A 255 -3.89 34.49 14.48
N LEU A 256 -2.86 33.74 14.11
CA LEU A 256 -1.91 33.24 15.10
C LEU A 256 -1.02 34.36 15.62
N CYS A 257 -0.65 35.31 14.77
CA CYS A 257 0.13 36.45 15.23
C CYS A 257 -0.30 37.69 14.45
N THR A 258 -0.25 38.83 15.12
CA THR A 258 -0.66 40.08 14.49
C THR A 258 0.33 40.50 13.41
N GLY A 259 -0.15 41.26 12.44
CA GLY A 259 0.71 41.69 11.35
C GLY A 259 1.76 42.69 11.80
N ASP A 260 1.51 43.36 12.92
CA ASP A 260 2.47 44.36 13.41
C ASP A 260 3.76 43.71 13.88
N GLU A 261 3.65 42.59 14.60
CA GLU A 261 4.85 42.01 15.20
C GLU A 261 5.71 41.28 14.18
N VAL A 262 5.09 40.79 13.09
CA VAL A 262 5.86 40.12 12.05
C VAL A 262 6.82 41.08 11.38
N GLU A 263 6.34 42.27 11.00
CA GLU A 263 7.24 43.31 10.53
C GLU A 263 8.14 43.81 11.65
N LEU A 264 7.60 43.89 12.86
CA LEU A 264 8.34 44.45 14.00
C LEU A 264 9.43 43.49 14.47
N GLY A 265 9.27 42.19 14.22
CA GLY A 265 10.33 41.24 14.48
C GLY A 265 10.07 40.24 15.60
N GLN A 266 8.88 40.22 16.19
CA GLN A 266 8.59 39.22 17.21
C GLN A 266 8.34 37.85 16.58
N CYS A 267 7.66 37.80 15.43
CA CYS A 267 7.36 36.55 14.75
C CYS A 267 7.72 36.68 13.28
N SER A 268 7.84 35.53 12.62
CA SER A 268 8.23 35.47 11.22
C SER A 268 7.31 34.52 10.47
N LEU A 269 7.06 34.84 9.20
CA LEU A 269 6.17 34.00 8.41
C LEU A 269 7.00 33.00 7.66
N ASN A 270 8.17 32.69 8.19
CA ASN A 270 9.02 31.68 7.57
C ASN A 270 9.73 30.88 8.63
N GLN A 271 10.00 29.61 8.36
CA GLN A 271 10.77 28.81 9.29
C GLN A 271 11.73 27.97 8.49
N THR A 272 12.89 27.68 9.06
CA THR A 272 13.89 26.93 8.33
C THR A 272 13.89 25.53 8.87
N VAL A 273 13.64 24.55 8.00
CA VAL A 273 13.58 23.18 8.44
C VAL A 273 14.59 22.30 7.73
N SER A 274 15.33 21.48 8.46
CA SER A 274 16.36 20.64 7.87
C SER A 274 15.94 19.75 6.71
N SER A 275 16.80 19.63 5.71
CA SER A 275 16.51 18.76 4.57
C SER A 275 17.28 17.44 4.63
N GLU A 276 18.12 17.26 5.65
CA GLU A 276 18.88 16.02 5.76
C GLU A 276 17.96 14.83 5.99
N THR A 277 18.31 13.70 5.40
CA THR A 277 17.51 12.50 5.46
C THR A 277 18.05 11.55 6.54
N ALA A 278 17.41 10.39 6.65
CA ALA A 278 17.87 9.39 7.61
C ALA A 278 19.20 8.77 7.21
N ARG A 279 19.55 8.86 5.92
CA ARG A 279 20.81 8.33 5.42
C ARG A 279 21.94 9.34 5.47
N GLY A 280 21.70 10.54 5.99
CA GLY A 280 22.71 11.57 6.09
C GLY A 280 22.78 12.50 4.91
N TYR A 281 22.23 12.13 3.76
CA TYR A 281 22.22 12.98 2.59
C TYR A 281 21.17 14.07 2.72
N THR A 282 21.31 15.11 1.90
CA THR A 282 20.22 16.06 1.71
C THR A 282 19.12 15.42 0.87
N TYR A 283 17.99 16.10 0.78
CA TYR A 283 16.85 15.56 0.05
C TYR A 283 17.19 15.36 -1.42
N GLY A 284 17.68 16.40 -2.08
CA GLY A 284 17.98 16.27 -3.50
C GLY A 284 19.07 15.25 -3.77
N GLU A 285 20.16 15.32 -3.01
CA GLU A 285 21.32 14.46 -3.26
C GLU A 285 20.95 12.98 -3.14
N GLU A 286 20.10 12.63 -2.18
CA GLU A 286 19.72 11.23 -2.05
C GLU A 286 18.63 10.84 -3.03
N TYR A 287 17.46 11.48 -2.95
CA TYR A 287 16.33 11.03 -3.76
C TYR A 287 16.59 11.23 -5.25
N TYR A 288 17.01 12.43 -5.67
CA TYR A 288 17.22 12.73 -7.08
C TYR A 288 18.62 13.24 -7.36
N GLY A 289 19.62 12.76 -6.61
CA GLY A 289 20.98 13.22 -6.82
C GLY A 289 21.53 12.87 -8.18
N THR A 290 21.34 11.62 -8.61
CA THR A 290 21.75 11.17 -9.93
C THR A 290 20.57 10.49 -10.61
N PHE A 291 20.77 10.07 -11.86
CA PHE A 291 19.69 9.44 -12.60
C PHE A 291 19.27 8.11 -11.98
N PHE A 292 20.22 7.32 -11.50
CA PHE A 292 19.87 6.03 -10.93
C PHE A 292 19.26 6.17 -9.54
N ARG A 293 19.74 7.14 -8.75
CA ARG A 293 19.06 7.46 -7.49
C ARG A 293 17.63 7.91 -7.75
N ALA A 294 17.43 8.74 -8.78
CA ALA A 294 16.09 9.19 -9.13
C ALA A 294 15.22 8.02 -9.57
N LEU A 295 15.76 7.11 -10.38
CA LEU A 295 14.99 5.95 -10.82
C LEU A 295 14.60 5.06 -9.64
N TYR A 296 15.52 4.87 -8.69
CA TYR A 296 15.18 4.11 -7.50
C TYR A 296 14.10 4.80 -6.67
N THR A 297 14.19 6.12 -6.53
CA THR A 297 13.18 6.86 -5.77
C THR A 297 11.82 6.77 -6.45
N LEU A 298 11.80 6.82 -7.79
CA LEU A 298 10.55 6.68 -8.50
C LEU A 298 10.01 5.26 -8.41
N PHE A 299 10.88 4.26 -8.32
CA PHE A 299 10.40 2.90 -8.05
C PHE A 299 9.77 2.82 -6.66
N GLN A 300 10.39 3.48 -5.69
CA GLN A 300 9.82 3.55 -4.36
C GLN A 300 8.43 4.18 -4.39
N VAL A 301 8.28 5.28 -5.13
CA VAL A 301 6.98 5.92 -5.26
C VAL A 301 6.00 5.02 -6.00
N LEU A 302 6.48 4.29 -7.00
CA LEU A 302 5.63 3.37 -7.76
C LEU A 302 5.05 2.29 -6.86
N THR A 303 5.89 1.72 -5.98
CA THR A 303 5.38 0.75 -5.00
C THR A 303 4.45 1.43 -4.00
N GLY A 304 4.59 2.74 -3.81
CA GLY A 304 3.75 3.48 -2.90
C GLY A 304 4.33 3.72 -1.53
N GLU A 305 5.63 3.52 -1.33
CA GLU A 305 6.23 3.60 -0.01
C GLU A 305 6.69 5.02 0.27
N SER A 306 6.04 5.66 1.26
CA SER A 306 6.50 6.93 1.83
C SER A 306 6.77 7.98 0.76
N TRP A 307 5.96 7.99 -0.30
CA TRP A 307 6.20 8.94 -1.38
C TRP A 307 5.87 10.37 -0.97
N SER A 308 5.03 10.57 0.05
CA SER A 308 4.62 11.90 0.44
C SER A 308 5.48 12.48 1.56
N GLU A 309 5.50 11.82 2.72
CA GLU A 309 6.14 12.40 3.88
C GLU A 309 7.65 12.50 3.75
N ALA A 310 8.24 11.79 2.79
CA ALA A 310 9.68 11.82 2.56
C ALA A 310 10.06 12.35 1.19
N VAL A 311 9.37 11.91 0.14
CA VAL A 311 9.78 12.24 -1.22
C VAL A 311 9.04 13.48 -1.73
N ALA A 312 7.71 13.51 -1.60
CA ALA A 312 6.95 14.56 -2.26
C ALA A 312 6.86 15.84 -1.43
N ARG A 313 6.35 15.75 -0.20
CA ARG A 313 5.95 16.94 0.56
C ARG A 313 7.06 17.97 0.77
N PRO A 314 8.30 17.58 1.09
CA PRO A 314 9.36 18.61 1.17
C PRO A 314 9.54 19.37 -0.13
N ALA A 315 9.46 18.69 -1.27
CA ALA A 315 9.57 19.39 -2.55
C ALA A 315 8.33 20.22 -2.84
N VAL A 316 7.15 19.71 -2.47
CA VAL A 316 5.90 20.43 -2.69
C VAL A 316 5.90 21.75 -1.93
N PHE A 317 6.29 21.72 -0.67
CA PHE A 317 6.27 22.91 0.17
C PHE A 317 7.56 23.70 0.10
N GLU A 318 8.58 23.20 -0.62
CA GLU A 318 9.69 24.05 -1.01
C GLU A 318 9.26 25.19 -1.92
N SER A 319 8.40 24.91 -2.88
CA SER A 319 7.88 25.92 -3.79
C SER A 319 6.94 26.83 -3.01
N HIS A 320 7.32 28.09 -2.86
CA HIS A 320 6.51 29.03 -2.08
C HIS A 320 5.13 29.20 -2.70
N TYR A 321 5.08 29.69 -3.94
CA TYR A 321 3.83 29.81 -4.67
C TYR A 321 3.80 28.97 -5.93
N ASP A 322 4.92 28.36 -6.32
CA ASP A 322 4.99 27.48 -7.47
C ASP A 322 4.69 26.03 -7.12
N SER A 323 3.88 25.80 -6.08
CA SER A 323 3.64 24.45 -5.59
C SER A 323 3.02 23.55 -6.65
N PHE A 324 2.37 24.11 -7.66
CA PHE A 324 1.76 23.30 -8.71
C PHE A 324 2.78 22.40 -9.41
N GLY A 325 4.05 22.80 -9.44
CA GLY A 325 5.08 22.02 -10.06
C GLY A 325 5.24 20.65 -9.45
N PRO A 326 5.68 20.58 -8.19
CA PRO A 326 5.84 19.27 -7.54
C PRO A 326 4.55 18.49 -7.39
N VAL A 327 3.43 19.15 -7.06
CA VAL A 327 2.17 18.42 -6.93
C VAL A 327 1.80 17.77 -8.26
N LEU A 328 1.87 18.52 -9.35
CA LEU A 328 1.55 17.92 -10.65
C LEU A 328 2.55 16.83 -11.02
N PHE A 329 3.84 17.06 -10.75
CA PHE A 329 4.86 16.04 -10.98
C PHE A 329 4.46 14.72 -10.32
N TYR A 330 4.35 14.71 -9.00
CA TYR A 330 4.12 13.46 -8.29
C TYR A 330 2.71 12.92 -8.52
N VAL A 331 1.71 13.78 -8.65
CA VAL A 331 0.35 13.30 -8.87
C VAL A 331 0.24 12.62 -10.22
N SER A 332 0.75 13.25 -11.28
CA SER A 332 0.71 12.63 -12.61
C SER A 332 1.56 11.36 -12.64
N PHE A 333 2.73 11.39 -12.00
CA PHE A 333 3.56 10.20 -11.95
C PHE A 333 2.82 9.05 -11.29
N ILE A 334 2.26 9.30 -10.10
CA ILE A 334 1.55 8.24 -9.37
C ILE A 334 0.39 7.72 -10.20
N ILE A 335 -0.48 8.62 -10.66
CA ILE A 335 -1.65 8.21 -11.43
C ILE A 335 -1.21 7.35 -12.60
N ILE A 336 -0.46 7.93 -13.53
CA ILE A 336 -0.10 7.22 -14.76
C ILE A 336 0.64 5.94 -14.40
N CYS A 337 1.86 6.05 -13.86
CA CYS A 337 2.67 4.87 -13.65
C CYS A 337 1.98 3.89 -12.70
N GLN A 338 1.82 4.27 -11.43
CA GLN A 338 1.32 3.31 -10.45
C GLN A 338 -0.02 2.78 -10.91
N ILE A 339 -1.06 3.62 -10.94
CA ILE A 339 -2.39 3.09 -11.16
C ILE A 339 -2.44 2.44 -12.54
N VAL A 340 -2.30 3.26 -13.59
CA VAL A 340 -2.58 2.76 -14.93
C VAL A 340 -1.60 1.63 -15.28
N LEU A 341 -0.30 1.91 -15.20
CA LEU A 341 0.67 0.97 -15.73
C LEU A 341 0.78 -0.28 -14.86
N ILE A 342 0.82 -0.15 -13.53
CA ILE A 342 0.88 -1.34 -12.68
C ILE A 342 -0.34 -2.22 -12.93
N ASN A 343 -1.55 -1.63 -12.96
CA ASN A 343 -2.71 -2.48 -13.15
C ASN A 343 -2.73 -3.10 -14.54
N VAL A 344 -2.27 -2.38 -15.56
CA VAL A 344 -2.21 -2.96 -16.92
C VAL A 344 -1.25 -4.14 -16.96
N VAL A 345 -0.06 -3.97 -16.38
CA VAL A 345 0.94 -5.03 -16.40
C VAL A 345 0.44 -6.25 -15.65
N VAL A 346 -0.15 -6.04 -14.48
CA VAL A 346 -0.67 -7.18 -13.74
C VAL A 346 -1.81 -7.85 -14.50
N ALA A 347 -2.67 -7.05 -15.14
CA ALA A 347 -3.78 -7.63 -15.90
C ALA A 347 -3.27 -8.49 -17.04
N VAL A 348 -2.29 -8.00 -17.80
CA VAL A 348 -1.80 -8.79 -18.93
C VAL A 348 -1.06 -10.03 -18.44
N LEU A 349 -0.29 -9.91 -17.35
CA LEU A 349 0.39 -11.07 -16.78
C LEU A 349 -0.61 -12.16 -16.40
N LEU A 350 -1.62 -11.78 -15.60
CA LEU A 350 -2.59 -12.76 -15.14
C LEU A 350 -3.41 -13.31 -16.31
N ASP A 351 -3.71 -12.47 -17.29
CA ASP A 351 -4.44 -12.93 -18.47
C ASP A 351 -3.66 -14.01 -19.22
N LYS A 352 -2.36 -13.76 -19.43
CA LYS A 352 -1.55 -14.77 -20.11
C LYS A 352 -1.47 -16.05 -19.30
N MET A 353 -1.32 -15.94 -17.97
CA MET A 353 -1.24 -17.16 -17.16
C MET A 353 -2.52 -17.98 -17.23
N VAL A 354 -3.68 -17.32 -17.11
CA VAL A 354 -4.92 -18.10 -17.14
C VAL A 354 -5.25 -18.59 -18.55
N GLU A 355 -4.82 -17.87 -19.58
CA GLU A 355 -4.93 -18.40 -20.93
C GLU A 355 -4.05 -19.63 -21.12
N GLU A 356 -2.92 -19.69 -20.43
CA GLU A 356 -2.11 -20.90 -20.43
C GLU A 356 -2.68 -21.99 -19.55
N ASP A 357 -3.51 -21.64 -18.56
CA ASP A 357 -4.10 -22.63 -17.66
C ASP A 357 -4.99 -23.59 -18.44
N ASP A 358 -5.82 -23.07 -19.33
CA ASP A 358 -6.73 -23.90 -20.11
C ASP A 358 -6.28 -23.99 -21.56
N TRP B 69 2.57 18.12 -56.55
CA TRP B 69 3.50 17.08 -56.12
C TRP B 69 4.89 17.30 -56.70
N LEU B 70 5.90 17.14 -55.87
CA LEU B 70 7.27 17.32 -56.31
C LEU B 70 7.68 16.18 -57.25
N PRO B 71 8.63 16.43 -58.16
CA PRO B 71 9.03 15.35 -59.09
C PRO B 71 9.59 14.13 -58.41
N HIS B 72 10.53 14.30 -57.48
CA HIS B 72 11.16 13.18 -56.77
C HIS B 72 10.56 12.98 -55.39
N GLN B 73 9.25 13.21 -55.25
CA GLN B 73 8.57 13.10 -53.96
C GLN B 73 8.15 11.68 -53.63
N ARG B 74 7.62 10.93 -54.60
CA ARG B 74 7.12 9.59 -54.32
C ARG B 74 8.25 8.65 -53.91
N LYS B 75 9.40 8.74 -54.57
CA LYS B 75 10.51 7.85 -54.26
C LYS B 75 10.95 8.03 -52.81
N VAL B 76 11.17 9.27 -52.39
CA VAL B 76 11.59 9.51 -51.01
C VAL B 76 10.46 9.19 -50.03
N PHE B 77 9.20 9.36 -50.46
CA PHE B 77 8.08 9.02 -49.59
C PHE B 77 8.07 7.53 -49.26
N ASP B 78 8.17 6.68 -50.28
CA ASP B 78 8.27 5.25 -50.01
C ASP B 78 9.61 4.85 -49.39
N PHE B 79 10.66 5.68 -49.57
CA PHE B 79 11.92 5.40 -48.91
C PHE B 79 11.83 5.59 -47.40
N TYR B 80 11.13 6.63 -46.95
CA TYR B 80 11.00 6.85 -45.51
C TYR B 80 10.13 5.77 -44.86
N ALA B 81 9.15 5.23 -45.58
CA ALA B 81 8.27 4.19 -45.05
C ALA B 81 8.94 2.81 -45.06
N SER B 82 10.21 2.73 -45.43
CA SER B 82 10.93 1.47 -45.40
C SER B 82 11.14 1.01 -43.97
N GLN B 83 11.04 -0.30 -43.74
CA GLN B 83 11.19 -0.85 -42.40
C GLN B 83 12.58 -0.59 -41.86
N GLY B 84 13.61 -0.71 -42.70
CA GLY B 84 14.96 -0.44 -42.26
C GLY B 84 15.15 0.99 -41.80
N VAL B 85 14.59 1.94 -42.56
CA VAL B 85 14.68 3.35 -42.17
C VAL B 85 13.92 3.60 -40.88
N GLN B 86 12.76 2.98 -40.72
CA GLN B 86 12.00 3.14 -39.48
C GLN B 86 12.77 2.60 -38.29
N TYR B 87 13.41 1.44 -38.44
CA TYR B 87 14.20 0.89 -37.34
C TYR B 87 15.44 1.75 -37.06
N PHE B 88 16.05 2.33 -38.10
CA PHE B 88 17.17 3.22 -37.86
C PHE B 88 16.74 4.46 -37.09
N THR B 89 15.57 5.01 -37.45
CA THR B 89 15.06 6.16 -36.70
C THR B 89 14.73 5.78 -35.26
N ALA B 90 14.17 4.58 -35.06
CA ALA B 90 13.89 4.11 -33.71
C ALA B 90 15.17 3.96 -32.90
N PHE B 91 16.22 3.43 -33.52
CA PHE B 91 17.52 3.34 -32.86
C PHE B 91 18.05 4.73 -32.52
N LEU B 92 17.84 5.70 -33.42
CA LEU B 92 18.27 7.07 -33.14
C LEU B 92 17.54 7.65 -31.94
N ILE B 93 16.22 7.43 -31.86
CA ILE B 93 15.45 7.94 -30.73
C ILE B 93 15.89 7.28 -29.43
N VAL B 94 16.09 5.95 -29.46
CA VAL B 94 16.53 5.25 -28.25
C VAL B 94 17.92 5.71 -27.85
N SER B 95 18.82 5.94 -28.82
CA SER B 95 20.15 6.44 -28.52
C SER B 95 20.09 7.83 -27.91
N ASN B 96 19.20 8.69 -28.41
CA ASN B 96 19.05 10.01 -27.80
C ASN B 96 18.52 9.90 -26.37
N PHE B 97 17.57 8.99 -26.13
CA PHE B 97 17.06 8.79 -24.78
C PHE B 97 18.17 8.31 -23.85
N ILE B 98 18.99 7.37 -24.32
CA ILE B 98 20.11 6.88 -23.52
C ILE B 98 21.13 7.99 -23.30
N PHE B 99 21.34 8.86 -24.29
CA PHE B 99 22.24 10.00 -24.12
C PHE B 99 21.74 10.93 -23.03
N ASN B 100 20.44 11.23 -23.02
CA ASN B 100 19.87 12.06 -21.96
C ASN B 100 20.01 11.40 -20.60
N CYS B 101 19.74 10.09 -20.53
CA CYS B 101 19.87 9.37 -19.26
C CYS B 101 21.32 9.39 -18.78
N ALA B 102 22.27 9.19 -19.68
CA ALA B 102 23.68 9.21 -19.29
C ALA B 102 24.09 10.61 -18.84
N GLU B 103 23.57 11.64 -19.50
CA GLU B 103 23.85 13.01 -19.07
C GLU B 103 23.34 13.26 -17.67
N LYS B 104 22.12 12.80 -17.38
CA LYS B 104 21.55 13.01 -16.05
C LYS B 104 22.19 12.10 -15.01
N GLU B 105 22.87 11.02 -15.43
CA GLU B 105 23.49 10.12 -14.49
C GLU B 105 24.92 10.53 -14.15
N TRP B 106 25.78 10.63 -15.15
CA TRP B 106 27.20 10.87 -14.91
C TRP B 106 27.58 12.34 -14.80
N ASP B 107 26.68 13.25 -15.15
CA ASP B 107 26.97 14.69 -15.11
C ASP B 107 25.68 15.51 -15.14
N PRO B 108 24.90 15.47 -14.05
CA PRO B 108 23.74 16.35 -13.96
C PRO B 108 23.99 17.65 -13.20
N TYR B 109 25.22 17.89 -12.75
CA TYR B 109 25.50 18.95 -11.80
C TYR B 109 25.40 20.32 -12.47
N THR B 110 25.27 21.35 -11.64
CA THR B 110 25.27 22.71 -12.18
C THR B 110 26.62 23.05 -12.79
N ASP B 111 27.70 22.69 -12.12
CA ASP B 111 29.05 22.79 -12.69
C ASP B 111 29.34 21.49 -13.43
N GLN B 112 28.91 21.43 -14.68
CA GLN B 112 29.09 20.24 -15.48
C GLN B 112 30.56 20.04 -15.84
N LEU B 113 31.01 18.78 -15.79
CA LEU B 113 32.40 18.44 -16.06
C LEU B 113 32.67 18.27 -17.54
N TYR B 114 31.83 17.50 -18.23
CA TYR B 114 31.92 17.30 -19.67
C TYR B 114 30.74 18.04 -20.28
N GLN B 115 30.96 19.33 -20.54
CA GLN B 115 29.89 20.25 -20.89
C GLN B 115 29.62 20.23 -22.39
N GLY B 116 30.66 20.49 -23.18
CA GLY B 116 30.53 20.41 -24.62
C GLY B 116 30.14 19.04 -25.11
N LEU B 117 30.44 17.99 -24.33
CA LEU B 117 30.07 16.65 -24.74
C LEU B 117 28.55 16.54 -24.94
N TRP B 118 27.78 16.86 -23.90
CA TRP B 118 26.32 16.85 -24.05
C TRP B 118 25.84 17.94 -24.98
N ARG B 119 26.48 19.12 -24.97
CA ARG B 119 26.03 20.20 -25.84
C ARG B 119 26.07 19.76 -27.31
N TRP B 120 27.22 19.27 -27.76
CA TRP B 120 27.37 18.85 -29.14
C TRP B 120 26.66 17.53 -29.44
N GLY B 121 26.48 16.66 -28.45
CA GLY B 121 25.65 15.49 -28.68
C GLY B 121 24.22 15.86 -28.98
N GLU B 122 23.66 16.78 -28.21
CA GLU B 122 22.32 17.30 -28.52
C GLU B 122 22.31 18.00 -29.87
N PHE B 123 23.37 18.76 -30.17
CA PHE B 123 23.47 19.41 -31.47
C PHE B 123 23.35 18.40 -32.62
N ALA B 124 24.16 17.34 -32.56
CA ALA B 124 24.13 16.33 -33.61
C ALA B 124 22.80 15.60 -33.66
N PHE B 125 22.22 15.29 -32.50
CA PHE B 125 20.94 14.59 -32.49
C PHE B 125 19.84 15.44 -33.12
N ASN B 126 19.77 16.72 -32.77
CA ASN B 126 18.77 17.59 -33.37
C ASN B 126 19.02 17.77 -34.87
N THR B 127 20.29 17.84 -35.28
CA THR B 127 20.58 17.95 -36.71
C THR B 127 20.10 16.72 -37.47
N MET B 128 20.37 15.53 -36.93
CA MET B 128 19.93 14.30 -37.59
C MET B 128 18.40 14.21 -37.61
N PHE B 129 17.76 14.60 -36.52
CA PHE B 129 16.30 14.60 -36.50
C PHE B 129 15.73 15.61 -37.49
N LEU B 130 16.40 16.75 -37.66
CA LEU B 130 16.00 17.71 -38.69
C LEU B 130 16.10 17.12 -40.08
N ILE B 131 17.22 16.46 -40.38
CA ILE B 131 17.39 15.88 -41.72
C ILE B 131 16.36 14.80 -41.98
N GLU B 132 16.13 13.92 -41.00
CA GLU B 132 15.12 12.89 -41.17
C GLU B 132 13.70 13.44 -41.22
N LEU B 133 13.38 14.50 -40.47
CA LEU B 133 12.08 15.14 -40.58
C LEU B 133 11.89 15.75 -41.95
N LEU B 134 12.92 16.43 -42.48
CA LEU B 134 12.81 16.99 -43.82
C LEU B 134 12.60 15.90 -44.85
N ILE B 135 13.27 14.76 -44.67
CA ILE B 135 12.98 13.61 -45.54
C ILE B 135 11.52 13.19 -45.40
N ASN B 136 11.00 13.16 -44.17
CA ASN B 136 9.60 12.78 -43.98
C ASN B 136 8.64 13.73 -44.67
N PHE B 137 8.89 15.04 -44.56
CA PHE B 137 7.93 16.01 -45.08
C PHE B 137 8.07 16.16 -46.59
N TYR B 138 9.27 15.94 -47.14
CA TYR B 138 9.45 16.10 -48.57
C TYR B 138 8.65 15.07 -49.35
N GLY B 139 8.40 13.92 -48.75
CA GLY B 139 7.55 12.91 -49.38
C GLY B 139 6.07 13.21 -49.28
N ILE B 140 5.68 14.18 -48.46
CA ILE B 140 4.28 14.56 -48.32
C ILE B 140 4.09 16.02 -48.74
N ALA B 141 5.05 16.56 -49.49
CA ALA B 141 4.99 17.91 -50.05
C ALA B 141 4.85 18.98 -48.97
N PHE B 142 5.46 18.76 -47.80
CA PHE B 142 5.46 19.70 -46.69
C PHE B 142 4.06 20.03 -46.20
N CYS B 143 3.10 19.15 -46.48
CA CYS B 143 1.68 19.41 -46.23
C CYS B 143 1.27 19.04 -44.80
N PHE B 144 1.53 17.78 -44.41
CA PHE B 144 1.28 17.24 -43.07
C PHE B 144 -0.11 17.55 -42.51
N TRP B 145 -1.07 17.86 -43.38
CA TRP B 145 -2.46 17.92 -42.92
C TRP B 145 -3.19 16.60 -43.18
N ARG B 146 -2.88 15.94 -44.29
CA ARG B 146 -3.66 14.80 -44.75
C ARG B 146 -3.14 13.46 -44.21
N TYR B 147 -1.85 13.34 -43.94
CA TYR B 147 -1.23 12.07 -43.61
C TYR B 147 -0.61 12.14 -42.22
N ASN B 148 -1.20 11.44 -41.27
CA ASN B 148 -0.67 11.29 -39.91
C ASN B 148 -0.39 12.66 -39.27
N TRP B 149 -1.47 13.43 -39.10
CA TRP B 149 -1.32 14.81 -38.65
C TRP B 149 -0.74 14.90 -37.24
N ALA B 150 -1.21 14.06 -36.31
CA ALA B 150 -0.83 14.20 -34.91
C ALA B 150 0.63 13.85 -34.70
N TRP B 151 1.08 12.72 -35.24
CA TRP B 151 2.48 12.35 -35.09
C TRP B 151 3.39 13.35 -35.79
N ASN B 152 2.98 13.83 -36.96
CA ASN B 152 3.79 14.81 -37.68
C ASN B 152 3.92 16.11 -36.89
N THR B 153 2.82 16.60 -36.30
CA THR B 153 2.93 17.84 -35.54
C THR B 153 3.73 17.65 -34.26
N PHE B 154 3.61 16.48 -33.60
CA PHE B 154 4.46 16.22 -32.44
C PHE B 154 5.93 16.21 -32.83
N ASP B 155 6.25 15.56 -33.95
CA ASP B 155 7.62 15.57 -34.45
C ASP B 155 8.07 16.99 -34.72
N LEU B 156 7.19 17.78 -35.33
CA LEU B 156 7.50 19.15 -35.62
C LEU B 156 7.88 19.84 -34.33
N VAL B 157 7.06 19.76 -33.29
CA VAL B 157 7.35 20.52 -32.08
C VAL B 157 8.68 20.13 -31.44
N VAL B 158 8.97 18.83 -31.34
CA VAL B 158 10.26 18.43 -30.79
C VAL B 158 11.44 18.88 -31.66
N VAL B 159 11.35 18.77 -32.98
CA VAL B 159 12.44 19.25 -33.80
C VAL B 159 12.60 20.75 -33.66
N ALA B 160 11.51 21.48 -33.48
CA ALA B 160 11.56 22.93 -33.28
C ALA B 160 12.28 23.26 -31.99
N ILE B 161 11.99 22.51 -30.93
CA ILE B 161 12.73 22.74 -29.70
C ILE B 161 14.20 22.45 -29.95
N GLY B 162 14.49 21.41 -30.73
CA GLY B 162 15.86 21.09 -31.06
C GLY B 162 16.58 22.19 -31.82
N THR B 163 15.89 22.83 -32.75
CA THR B 163 16.51 23.90 -33.52
C THR B 163 16.67 25.09 -32.61
N LEU B 164 15.69 25.33 -31.75
CA LEU B 164 15.84 26.41 -30.80
C LEU B 164 17.05 26.20 -29.90
N THR B 165 17.24 24.98 -29.40
CA THR B 165 18.40 24.68 -28.56
C THR B 165 19.70 24.87 -29.34
N MET B 166 19.76 24.37 -30.58
CA MET B 166 20.97 24.55 -31.39
C MET B 166 21.24 26.02 -31.68
N ALA B 167 20.19 26.79 -31.98
CA ALA B 167 20.35 28.22 -32.23
C ALA B 167 20.87 28.94 -30.99
N GLU B 168 20.36 28.57 -29.81
CA GLU B 168 20.91 29.13 -28.57
C GLU B 168 22.35 28.73 -28.33
N ALA B 169 22.71 27.47 -28.62
CA ALA B 169 24.09 27.04 -28.45
C ALA B 169 25.04 27.71 -29.44
N ILE B 170 24.54 28.12 -30.60
CA ILE B 170 25.36 28.77 -31.62
C ILE B 170 25.49 30.27 -31.38
N GLY B 171 24.37 30.97 -31.21
CA GLY B 171 24.39 32.42 -31.22
C GLY B 171 23.85 33.10 -29.97
N GLY B 172 24.16 32.55 -28.80
CA GLY B 172 23.82 33.20 -27.55
C GLY B 172 22.41 32.89 -27.08
N ASN B 173 22.01 33.59 -26.03
CA ASN B 173 20.71 33.37 -25.40
C ASN B 173 19.67 34.33 -25.99
N PHE B 174 18.94 33.81 -26.98
CA PHE B 174 17.87 34.54 -27.62
C PHE B 174 16.53 34.41 -26.90
N MET B 175 16.48 33.67 -25.80
CA MET B 175 15.25 33.43 -25.06
C MET B 175 15.36 33.92 -23.62
N PRO B 176 14.25 34.36 -23.02
CA PRO B 176 14.27 34.67 -21.61
C PRO B 176 14.48 33.42 -20.78
N PRO B 177 15.00 33.56 -19.55
CA PRO B 177 15.26 32.38 -18.72
C PRO B 177 13.99 31.78 -18.12
N SER B 178 12.83 32.24 -18.58
CA SER B 178 11.54 31.81 -18.05
C SER B 178 10.90 30.68 -18.84
N MET B 179 11.62 30.09 -19.80
CA MET B 179 11.07 29.03 -20.65
C MET B 179 11.99 27.81 -20.65
N ALA B 180 12.56 27.47 -19.50
CA ALA B 180 13.36 26.26 -19.41
C ALA B 180 12.49 25.00 -19.52
N LEU B 181 11.24 25.08 -19.04
CA LEU B 181 10.33 23.95 -19.15
C LEU B 181 10.04 23.58 -20.60
N ILE B 182 10.10 24.55 -21.52
CA ILE B 182 9.97 24.25 -22.93
C ILE B 182 11.22 23.55 -23.47
N ARG B 183 12.41 23.99 -23.06
CA ARG B 183 13.63 23.24 -23.38
C ARG B 183 13.59 21.83 -22.81
N ASN B 184 12.82 21.62 -21.75
CA ASN B 184 12.74 20.33 -21.08
C ASN B 184 12.09 19.25 -21.94
N LEU B 185 11.48 19.62 -23.06
CA LEU B 185 10.74 18.69 -23.90
C LEU B 185 11.62 17.63 -24.54
N ARG B 186 12.95 17.80 -24.51
CA ARG B 186 13.84 16.79 -25.09
C ARG B 186 13.68 15.44 -24.41
N ALA B 187 13.24 15.42 -23.16
CA ALA B 187 13.06 14.15 -22.46
C ALA B 187 11.88 13.36 -23.02
N PHE B 188 10.93 14.05 -23.66
CA PHE B 188 9.74 13.41 -24.22
C PHE B 188 9.92 12.98 -25.67
N ARG B 189 11.14 13.04 -26.19
CA ARG B 189 11.40 12.59 -27.56
C ARG B 189 11.22 11.08 -27.68
N ILE B 190 11.34 10.34 -26.59
CA ILE B 190 11.23 8.89 -26.66
C ILE B 190 9.81 8.48 -27.03
N PHE B 191 8.83 9.36 -26.84
CA PHE B 191 7.47 9.07 -27.27
C PHE B 191 7.38 8.87 -28.78
N ARG B 192 8.35 9.39 -29.53
CA ARG B 192 8.38 9.13 -30.97
C ARG B 192 8.63 7.64 -31.26
N LEU B 193 9.31 6.94 -30.35
CA LEU B 193 9.58 5.53 -30.55
C LEU B 193 8.30 4.71 -30.57
N PHE B 194 7.27 5.15 -29.84
CA PHE B 194 6.03 4.41 -29.76
C PHE B 194 5.35 4.24 -31.11
N LYS B 195 5.58 5.15 -32.06
CA LYS B 195 5.10 4.97 -33.41
C LYS B 195 5.95 3.97 -34.20
N ARG B 196 7.21 3.81 -33.82
CA ARG B 196 8.10 2.89 -34.54
C ARG B 196 7.73 1.44 -34.31
N ILE B 197 7.36 1.08 -33.07
CA ILE B 197 7.10 -0.30 -32.72
C ILE B 197 5.59 -0.47 -32.53
N LYS B 198 5.04 -1.53 -33.15
CA LYS B 198 3.60 -1.69 -33.19
C LYS B 198 2.99 -2.06 -31.83
N SER B 199 3.68 -2.85 -31.01
CA SER B 199 3.08 -3.30 -29.74
C SER B 199 2.92 -2.16 -28.76
N LEU B 200 3.97 -1.35 -28.59
CA LEU B 200 3.87 -0.17 -27.73
C LEU B 200 2.81 0.79 -28.23
N ASN B 201 2.70 0.94 -29.56
CA ASN B 201 1.64 1.75 -30.14
C ASN B 201 0.27 1.19 -29.76
N LYS B 202 0.10 -0.13 -29.86
CA LYS B 202 -1.17 -0.74 -29.48
C LYS B 202 -1.51 -0.43 -28.03
N ILE B 203 -0.54 -0.57 -27.13
CA ILE B 203 -0.81 -0.37 -25.71
C ILE B 203 -1.18 1.09 -25.43
N ILE B 204 -0.42 2.04 -25.98
CA ILE B 204 -0.72 3.45 -25.71
C ILE B 204 -2.04 3.86 -26.34
N VAL B 205 -2.36 3.33 -27.53
CA VAL B 205 -3.63 3.62 -28.16
C VAL B 205 -4.78 3.07 -27.34
N SER B 206 -4.62 1.86 -26.79
CA SER B 206 -5.66 1.30 -25.92
C SER B 206 -5.83 2.15 -24.67
N LEU B 207 -4.73 2.63 -24.08
CA LEU B 207 -4.84 3.50 -22.92
C LEU B 207 -5.61 4.77 -23.27
N GLY B 208 -5.30 5.37 -24.42
CA GLY B 208 -5.98 6.58 -24.84
C GLY B 208 -7.46 6.36 -25.09
N LYS B 209 -7.82 5.22 -25.66
CA LYS B 209 -9.23 4.91 -25.93
C LYS B 209 -9.96 4.37 -24.71
N ALA B 210 -9.25 4.05 -23.63
CA ALA B 210 -9.88 3.63 -22.38
C ALA B 210 -10.03 4.76 -21.37
N ILE B 211 -9.24 5.83 -21.49
CA ILE B 211 -9.37 6.97 -20.58
C ILE B 211 -10.79 7.54 -20.53
N PRO B 212 -11.48 7.75 -21.66
CA PRO B 212 -12.85 8.30 -21.58
C PRO B 212 -13.80 7.44 -20.77
N GLY B 213 -13.62 6.13 -20.74
CA GLY B 213 -14.43 5.30 -19.86
C GLY B 213 -14.13 5.58 -18.40
N VAL B 214 -12.86 5.89 -18.11
CA VAL B 214 -12.47 6.24 -16.75
C VAL B 214 -13.10 7.55 -16.32
N ALA B 215 -13.22 8.50 -17.25
CA ALA B 215 -13.57 9.89 -16.94
C ALA B 215 -14.70 10.05 -15.92
N ASN B 216 -15.79 9.27 -16.07
CA ASN B 216 -16.96 9.47 -15.21
C ASN B 216 -16.67 9.05 -13.76
N ALA B 217 -16.12 7.86 -13.58
CA ALA B 217 -15.77 7.43 -12.23
C ALA B 217 -14.68 8.32 -11.64
N PHE B 218 -13.77 8.81 -12.48
CA PHE B 218 -12.73 9.72 -12.00
C PHE B 218 -13.34 11.03 -11.49
N VAL B 219 -14.33 11.57 -12.20
CA VAL B 219 -14.94 12.82 -11.75
C VAL B 219 -15.77 12.58 -10.49
N ILE B 220 -16.38 11.40 -10.35
CA ILE B 220 -17.04 11.07 -9.09
C ILE B 220 -16.02 11.05 -7.95
N MET B 221 -14.87 10.43 -8.19
CA MET B 221 -13.81 10.40 -7.18
C MET B 221 -13.41 11.81 -6.78
N VAL B 222 -13.16 12.67 -7.76
CA VAL B 222 -12.65 14.00 -7.43
C VAL B 222 -13.73 14.83 -6.74
N ILE B 223 -15.02 14.60 -7.08
CA ILE B 223 -16.11 15.28 -6.40
C ILE B 223 -16.11 14.89 -4.92
N ILE B 224 -16.02 13.60 -4.63
CA ILE B 224 -16.03 13.15 -3.24
C ILE B 224 -14.78 13.61 -2.52
N MET B 225 -13.65 13.64 -3.22
CA MET B 225 -12.40 14.14 -2.65
C MET B 225 -12.52 15.60 -2.25
N CYS B 226 -13.13 16.42 -3.11
CA CYS B 226 -13.32 17.82 -2.77
C CYS B 226 -14.32 18.01 -1.64
N ILE B 227 -15.35 17.16 -1.57
CA ILE B 227 -16.28 17.21 -0.44
C ILE B 227 -15.52 16.98 0.87
N TYR B 228 -14.75 15.90 0.92
CA TYR B 228 -13.98 15.60 2.11
C TYR B 228 -12.93 16.67 2.39
N ALA B 229 -12.42 17.33 1.34
CA ALA B 229 -11.46 18.41 1.54
C ALA B 229 -12.11 19.62 2.18
N ILE B 230 -13.32 19.98 1.75
CA ILE B 230 -14.06 21.06 2.39
C ILE B 230 -14.30 20.74 3.86
N LEU B 231 -14.75 19.51 4.13
CA LEU B 231 -14.99 19.12 5.51
C LEU B 231 -13.72 19.17 6.34
N GLY B 232 -12.60 18.69 5.77
CA GLY B 232 -11.35 18.68 6.51
C GLY B 232 -10.81 20.08 6.78
N VAL B 233 -10.93 20.98 5.80
CA VAL B 233 -10.52 22.36 6.02
C VAL B 233 -11.37 22.99 7.12
N GLU B 234 -12.67 22.72 7.11
CA GLU B 234 -13.53 23.33 8.11
C GLU B 234 -13.25 22.78 9.50
N PHE B 235 -12.92 21.50 9.60
CA PHE B 235 -12.71 20.89 10.91
C PHE B 235 -11.30 21.14 11.45
N TYR B 236 -10.29 20.66 10.73
CA TYR B 236 -8.95 20.49 11.29
C TYR B 236 -7.95 21.57 10.87
N HIS B 237 -8.39 22.63 10.19
CA HIS B 237 -7.45 23.68 9.80
C HIS B 237 -6.94 24.45 11.01
N MET B 238 -7.57 24.26 12.15
CA MET B 238 -7.24 24.98 13.37
C MET B 238 -6.52 24.06 14.36
N THR B 239 -6.25 22.81 13.96
CA THR B 239 -5.76 21.79 14.87
C THR B 239 -4.26 21.95 15.13
N GLY B 240 -3.87 21.83 16.40
CA GLY B 240 -2.48 21.97 16.78
C GLY B 240 -1.92 23.33 16.43
N SER B 241 -2.74 24.37 16.52
CA SER B 241 -2.37 25.68 16.03
C SER B 241 -1.29 26.33 16.90
N ASP B 242 -1.38 26.14 18.21
CA ASP B 242 -0.33 26.65 19.09
C ASP B 242 1.00 25.99 18.76
N GLY B 243 0.97 24.85 18.08
CA GLY B 243 2.12 24.04 17.80
C GLY B 243 2.20 22.80 18.66
N THR B 244 1.48 22.78 19.78
CA THR B 244 1.39 21.63 20.66
C THR B 244 -0.07 21.36 20.97
N TYR B 245 -0.44 20.08 20.99
CA TYR B 245 -1.80 19.68 21.33
C TYR B 245 -1.76 18.70 22.49
N VAL B 246 -2.88 18.61 23.21
CA VAL B 246 -2.97 17.87 24.45
C VAL B 246 -3.75 16.59 24.22
N THR B 247 -3.13 15.46 24.53
CA THR B 247 -3.80 14.17 24.60
C THR B 247 -3.94 13.77 26.07
N TYR B 248 -5.01 13.04 26.37
CA TYR B 248 -5.35 12.73 27.75
C TYR B 248 -5.08 11.26 28.05
N ASN B 249 -4.22 11.02 29.05
CA ASN B 249 -3.93 9.67 29.49
C ASN B 249 -5.09 9.11 30.30
N ASP B 250 -5.00 7.82 30.61
CA ASP B 250 -5.98 7.14 31.45
C ASP B 250 -5.23 6.33 32.52
N ASN B 251 -4.20 6.94 33.08
CA ASN B 251 -3.36 6.25 34.05
C ASN B 251 -4.01 5.69 35.29
N VAL B 252 -4.87 6.45 35.95
CA VAL B 252 -5.43 5.98 37.21
C VAL B 252 -6.23 4.70 37.07
N LYS B 253 -7.08 4.62 36.05
CA LYS B 253 -7.84 3.41 35.82
C LYS B 253 -6.95 2.23 35.47
N ARG B 254 -5.90 2.48 34.69
CA ARG B 254 -4.98 1.41 34.32
C ARG B 254 -4.05 1.04 35.47
N GLY B 255 -4.08 1.80 36.56
CA GLY B 255 -3.27 1.45 37.71
C GLY B 255 -1.82 1.84 37.64
N LEU B 256 -1.40 2.57 36.60
CA LEU B 256 -0.01 3.00 36.53
C LEU B 256 0.34 3.97 37.66
N CYS B 257 -0.57 4.89 37.97
CA CYS B 257 -0.38 5.82 39.08
C CYS B 257 -1.66 5.87 39.90
N THR B 258 -1.50 6.06 41.20
CA THR B 258 -2.65 6.11 42.09
C THR B 258 -3.45 7.38 41.86
N GLY B 259 -4.75 7.31 42.18
CA GLY B 259 -5.61 8.47 41.98
C GLY B 259 -5.30 9.61 42.92
N ASP B 260 -4.65 9.30 44.04
CA ASP B 260 -4.32 10.35 45.01
C ASP B 260 -3.28 11.31 44.47
N GLU B 261 -2.24 10.79 43.80
CA GLU B 261 -1.14 11.65 43.38
C GLU B 261 -1.51 12.50 42.17
N VAL B 262 -2.45 12.02 41.35
CA VAL B 262 -2.88 12.80 40.18
C VAL B 262 -3.55 14.10 40.63
N GLU B 263 -4.48 14.01 41.59
CA GLU B 263 -5.03 15.22 42.19
C GLU B 263 -3.98 15.96 42.99
N LEU B 264 -3.10 15.21 43.67
CA LEU B 264 -2.12 15.80 44.56
C LEU B 264 -1.01 16.50 43.77
N GLY B 265 -0.77 16.08 42.53
CA GLY B 265 0.13 16.79 41.66
C GLY B 265 1.42 16.07 41.27
N GLN B 266 1.59 14.82 41.69
CA GLN B 266 2.78 14.08 41.28
C GLN B 266 2.69 13.65 39.80
N CYS B 267 1.50 13.23 39.36
CA CYS B 267 1.29 12.78 38.00
C CYS B 267 0.07 13.47 37.41
N SER B 268 -0.03 13.43 36.09
CA SER B 268 -1.12 14.08 35.38
C SER B 268 -1.69 13.14 34.32
N LEU B 269 -2.98 13.32 34.04
CA LEU B 269 -3.66 12.58 32.99
C LEU B 269 -3.56 13.22 31.62
N ASN B 270 -2.90 14.38 31.53
CA ASN B 270 -2.83 15.12 30.27
C ASN B 270 -1.46 15.59 29.79
N GLN B 271 -0.80 14.79 28.97
CA GLN B 271 0.48 15.21 28.40
C GLN B 271 0.31 16.15 27.21
N THR B 272 1.30 16.99 26.94
CA THR B 272 1.22 17.91 25.82
C THR B 272 2.13 17.43 24.70
N VAL B 273 1.60 17.34 23.49
CA VAL B 273 2.38 16.81 22.37
C VAL B 273 2.54 17.78 21.21
N SER B 274 3.76 17.98 20.73
CA SER B 274 4.03 18.91 19.64
C SER B 274 3.29 18.49 18.38
N SER B 275 2.66 19.46 17.73
CA SER B 275 1.92 19.23 16.49
C SER B 275 2.70 19.61 15.25
N GLU B 276 3.91 20.15 15.40
CA GLU B 276 4.71 20.54 14.25
C GLU B 276 5.10 19.32 13.43
N THR B 277 5.12 19.51 12.11
CA THR B 277 5.40 18.43 11.17
C THR B 277 6.86 18.49 10.73
N ALA B 278 7.23 17.57 9.83
CA ALA B 278 8.58 17.56 9.30
C ALA B 278 8.85 18.76 8.41
N ARG B 279 7.79 19.38 7.87
CA ARG B 279 7.93 20.55 7.00
C ARG B 279 7.92 21.85 7.78
N GLY B 280 7.84 21.80 9.11
CA GLY B 280 7.84 22.99 9.93
C GLY B 280 6.46 23.55 10.24
N TYR B 281 5.44 23.17 9.48
CA TYR B 281 4.09 23.63 9.73
C TYR B 281 3.48 22.86 10.90
N THR B 282 2.40 23.42 11.44
CA THR B 282 1.56 22.67 12.35
C THR B 282 0.73 21.65 11.56
N TYR B 283 0.05 20.76 12.29
CA TYR B 283 -0.71 19.71 11.63
C TYR B 283 -1.82 20.29 10.76
N GLY B 284 -2.65 21.16 11.34
CA GLY B 284 -3.76 21.71 10.57
C GLY B 284 -3.29 22.54 9.39
N GLU B 285 -2.31 23.42 9.64
CA GLU B 285 -1.86 24.36 8.62
C GLU B 285 -1.30 23.63 7.41
N GLU B 286 -0.58 22.53 7.62
CA GLU B 286 -0.04 21.80 6.48
C GLU B 286 -1.06 20.88 5.85
N TYR B 287 -1.59 19.91 6.62
CA TYR B 287 -2.45 18.91 6.00
C TYR B 287 -3.76 19.52 5.49
N TYR B 288 -4.46 20.29 6.33
CA TYR B 288 -5.75 20.86 5.95
C TYR B 288 -5.77 22.37 6.10
N GLY B 289 -4.64 23.04 5.86
CA GLY B 289 -4.61 24.49 6.00
C GLY B 289 -5.50 25.21 5.03
N THR B 290 -5.46 24.81 3.75
CA THR B 290 -6.32 25.38 2.72
C THR B 290 -6.99 24.23 1.98
N PHE B 291 -7.87 24.58 1.03
CA PHE B 291 -8.60 23.56 0.29
C PHE B 291 -7.67 22.70 -0.55
N PHE B 292 -6.65 23.31 -1.18
CA PHE B 292 -5.76 22.55 -2.04
C PHE B 292 -4.78 21.71 -1.22
N ARG B 293 -4.33 22.23 -0.08
CA ARG B 293 -3.55 21.40 0.84
C ARG B 293 -4.36 20.21 1.32
N ALA B 294 -5.65 20.44 1.63
CA ALA B 294 -6.52 19.36 2.05
C ALA B 294 -6.71 18.34 0.94
N LEU B 295 -6.90 18.81 -0.29
CA LEU B 295 -7.08 17.88 -1.40
C LEU B 295 -5.82 17.05 -1.63
N TYR B 296 -4.65 17.66 -1.51
CA TYR B 296 -3.40 16.91 -1.62
C TYR B 296 -3.27 15.89 -0.50
N THR B 297 -3.62 16.26 0.72
CA THR B 297 -3.55 15.33 1.84
C THR B 297 -4.51 14.17 1.65
N LEU B 298 -5.70 14.44 1.12
CA LEU B 298 -6.64 13.37 0.84
C LEU B 298 -6.17 12.49 -0.30
N PHE B 299 -5.45 13.05 -1.28
CA PHE B 299 -4.83 12.21 -2.30
C PHE B 299 -3.77 11.30 -1.69
N GLN B 300 -2.99 11.84 -0.75
CA GLN B 300 -2.02 11.03 -0.04
C GLN B 300 -2.69 9.88 0.70
N VAL B 301 -3.81 10.17 1.37
CA VAL B 301 -4.57 9.12 2.06
C VAL B 301 -5.15 8.13 1.07
N LEU B 302 -5.60 8.61 -0.09
CA LEU B 302 -6.16 7.74 -1.12
C LEU B 302 -5.13 6.74 -1.61
N THR B 303 -3.90 7.21 -1.84
CA THR B 303 -2.83 6.28 -2.21
C THR B 303 -2.48 5.36 -1.05
N GLY B 304 -2.78 5.77 0.18
CA GLY B 304 -2.52 4.97 1.35
C GLY B 304 -1.23 5.28 2.08
N GLU B 305 -0.60 6.42 1.82
CA GLU B 305 0.70 6.73 2.38
C GLU B 305 0.54 7.46 3.71
N SER B 306 0.96 6.80 4.79
CA SER B 306 1.12 7.42 6.11
C SER B 306 -0.14 8.17 6.54
N TRP B 307 -1.31 7.62 6.20
CA TRP B 307 -2.55 8.29 6.54
C TRP B 307 -2.85 8.26 8.03
N SER B 308 -2.28 7.30 8.76
CA SER B 308 -2.57 7.15 10.19
C SER B 308 -1.55 7.87 11.07
N GLU B 309 -0.28 7.49 10.98
CA GLU B 309 0.71 7.99 11.92
C GLU B 309 0.98 9.48 11.75
N ALA B 310 0.60 10.06 10.62
CA ALA B 310 0.82 11.47 10.36
C ALA B 310 -0.47 12.25 10.18
N VAL B 311 -1.43 11.72 9.42
CA VAL B 311 -2.64 12.46 9.07
C VAL B 311 -3.76 12.18 10.06
N ALA B 312 -4.05 10.91 10.32
CA ALA B 312 -5.26 10.58 11.06
C ALA B 312 -5.06 10.63 12.57
N ARG B 313 -4.10 9.87 13.10
CA ARG B 313 -4.00 9.63 14.54
C ARG B 313 -3.89 10.88 15.40
N PRO B 314 -3.09 11.90 15.03
CA PRO B 314 -3.11 13.13 15.83
C PRO B 314 -4.48 13.77 15.93
N ALA B 315 -5.25 13.76 14.84
CA ALA B 315 -6.60 14.31 14.89
C ALA B 315 -7.55 13.40 15.66
N VAL B 316 -7.36 12.08 15.53
CA VAL B 316 -8.20 11.12 16.24
C VAL B 316 -8.05 11.29 17.74
N PHE B 317 -6.81 11.37 18.21
CA PHE B 317 -6.55 11.48 19.64
C PHE B 317 -6.53 12.91 20.14
N GLU B 318 -6.68 13.89 19.25
CA GLU B 318 -7.00 15.25 19.68
C GLU B 318 -8.36 15.31 20.36
N SER B 319 -9.36 14.63 19.80
CA SER B 319 -10.70 14.57 20.38
C SER B 319 -10.64 13.74 21.64
N HIS B 320 -10.87 14.38 22.80
CA HIS B 320 -10.80 13.69 24.08
C HIS B 320 -11.81 12.55 24.14
N TYR B 321 -13.09 12.88 24.06
CA TYR B 321 -14.15 11.88 24.01
C TYR B 321 -14.94 11.92 22.71
N ASP B 322 -14.72 12.91 21.85
CA ASP B 322 -15.37 13.00 20.55
C ASP B 322 -14.59 12.28 19.45
N SER B 323 -13.83 11.25 19.82
CA SER B 323 -12.95 10.59 18.85
C SER B 323 -13.71 10.00 17.67
N PHE B 324 -15.01 9.73 17.82
CA PHE B 324 -15.79 9.18 16.73
C PHE B 324 -15.75 10.06 15.48
N GLY B 325 -15.56 11.37 15.66
CA GLY B 325 -15.50 12.29 14.55
C GLY B 325 -14.39 11.97 13.57
N PRO B 326 -13.14 12.11 14.00
CA PRO B 326 -12.02 11.80 13.11
C PRO B 326 -11.97 10.35 12.64
N VAL B 327 -12.27 9.39 13.51
CA VAL B 327 -12.24 7.99 13.09
C VAL B 327 -13.26 7.76 11.99
N LEU B 328 -14.50 8.24 12.18
CA LEU B 328 -15.49 8.07 11.12
C LEU B 328 -15.09 8.82 9.86
N PHE B 329 -14.58 10.04 10.01
CA PHE B 329 -14.07 10.80 8.86
C PHE B 329 -13.11 9.96 8.02
N TYR B 330 -11.98 9.57 8.61
CA TYR B 330 -10.95 8.90 7.84
C TYR B 330 -11.36 7.49 7.43
N VAL B 331 -12.10 6.78 8.29
CA VAL B 331 -12.51 5.42 7.94
C VAL B 331 -13.46 5.43 6.75
N SER B 332 -14.48 6.30 6.79
CA SER B 332 -15.41 6.39 5.68
C SER B 332 -14.71 6.88 4.42
N PHE B 333 -13.82 7.86 4.56
CA PHE B 333 -13.06 8.35 3.41
C PHE B 333 -12.26 7.22 2.78
N ILE B 334 -11.48 6.50 3.58
CA ILE B 334 -10.65 5.43 3.07
C ILE B 334 -11.52 4.37 2.39
N ILE B 335 -12.52 3.87 3.11
CA ILE B 335 -13.38 2.82 2.56
C ILE B 335 -13.94 3.27 1.23
N ILE B 336 -14.77 4.32 1.24
CA ILE B 336 -15.44 4.74 0.02
C ILE B 336 -14.43 5.05 -1.07
N CYS B 337 -13.65 6.12 -0.89
CA CYS B 337 -12.76 6.56 -1.96
C CYS B 337 -11.76 5.46 -2.32
N GLN B 338 -10.84 5.15 -1.41
CA GLN B 338 -9.77 4.22 -1.77
C GLN B 338 -10.36 2.92 -2.26
N ILE B 339 -11.02 2.14 -1.39
CA ILE B 339 -11.40 0.80 -1.78
C ILE B 339 -12.37 0.88 -2.95
N VAL B 340 -13.56 1.44 -2.70
CA VAL B 340 -14.62 1.34 -3.70
C VAL B 340 -14.20 2.06 -4.98
N LEU B 341 -13.86 3.34 -4.86
CA LEU B 341 -13.68 4.15 -6.06
C LEU B 341 -12.40 3.76 -6.82
N ILE B 342 -11.28 3.55 -6.12
CA ILE B 342 -10.06 3.13 -6.82
C ILE B 342 -10.29 1.81 -7.54
N ASN B 343 -10.90 0.83 -6.88
CA ASN B 343 -11.10 -0.45 -7.56
C ASN B 343 -12.08 -0.32 -8.72
N VAL B 344 -13.12 0.51 -8.59
CA VAL B 344 -14.06 0.70 -9.69
C VAL B 344 -13.37 1.33 -10.89
N VAL B 345 -12.57 2.38 -10.64
CA VAL B 345 -11.88 3.07 -11.72
C VAL B 345 -10.91 2.13 -12.43
N VAL B 346 -10.13 1.38 -11.65
CA VAL B 346 -9.20 0.46 -12.27
C VAL B 346 -9.94 -0.62 -13.05
N ALA B 347 -11.06 -1.11 -12.51
CA ALA B 347 -11.83 -2.14 -13.20
C ALA B 347 -12.36 -1.63 -14.53
N VAL B 348 -12.91 -0.43 -14.56
CA VAL B 348 -13.45 0.08 -15.82
C VAL B 348 -12.33 0.38 -16.80
N LEU B 349 -11.20 0.91 -16.32
CA LEU B 349 -10.06 1.15 -17.20
C LEU B 349 -9.60 -0.15 -17.86
N LEU B 350 -9.34 -1.18 -17.05
CA LEU B 350 -8.85 -2.43 -17.60
C LEU B 350 -9.90 -3.10 -18.48
N ASP B 351 -11.17 -2.97 -18.12
CA ASP B 351 -12.24 -3.53 -18.95
C ASP B 351 -12.25 -2.89 -20.32
N LYS B 352 -12.15 -1.57 -20.39
CA LYS B 352 -12.11 -0.89 -21.68
C LYS B 352 -10.89 -1.31 -22.48
N MET B 353 -9.73 -1.43 -21.83
CA MET B 353 -8.53 -1.81 -22.56
C MET B 353 -8.65 -3.21 -23.15
N VAL B 354 -9.13 -4.17 -22.36
CA VAL B 354 -9.23 -5.53 -22.90
C VAL B 354 -10.37 -5.67 -23.90
N GLU B 355 -11.43 -4.87 -23.78
CA GLU B 355 -12.44 -4.81 -24.82
C GLU B 355 -11.89 -4.25 -26.11
N GLU B 356 -10.92 -3.34 -26.02
CA GLU B 356 -10.21 -2.86 -27.20
C GLU B 356 -9.18 -3.86 -27.72
N ASP B 357 -8.71 -4.76 -26.86
CA ASP B 357 -7.72 -5.75 -27.28
C ASP B 357 -8.28 -6.67 -28.36
N ASP B 358 -9.51 -7.14 -28.16
CA ASP B 358 -10.14 -8.04 -29.11
C ASP B 358 -11.24 -7.34 -29.89
N TRP C 69 -32.36 -45.34 20.88
CA TRP C 69 -32.99 -44.03 20.80
C TRP C 69 -33.83 -43.76 22.05
N LEU C 70 -33.71 -42.54 22.59
CA LEU C 70 -34.47 -42.16 23.77
C LEU C 70 -35.95 -42.00 23.40
N PRO C 71 -36.85 -42.20 24.37
CA PRO C 71 -38.28 -42.08 24.06
C PRO C 71 -38.69 -40.70 23.56
N HIS C 72 -38.27 -39.64 24.25
CA HIS C 72 -38.62 -38.27 23.88
C HIS C 72 -37.48 -37.59 23.13
N GLN C 73 -36.74 -38.34 22.31
CA GLN C 73 -35.60 -37.79 21.59
C GLN C 73 -35.99 -37.11 20.29
N ARG C 74 -36.90 -37.70 19.52
CA ARG C 74 -37.25 -37.13 18.22
C ARG C 74 -37.91 -35.77 18.36
N LYS C 75 -38.80 -35.61 19.34
CA LYS C 75 -39.49 -34.34 19.52
C LYS C 75 -38.52 -33.21 19.79
N VAL C 76 -37.59 -33.42 20.73
CA VAL C 76 -36.61 -32.38 21.04
C VAL C 76 -35.64 -32.20 19.88
N PHE C 77 -35.37 -33.26 19.12
CA PHE C 77 -34.48 -33.15 17.97
C PHE C 77 -35.06 -32.20 16.92
N ASP C 78 -36.33 -32.41 16.54
CA ASP C 78 -36.96 -31.47 15.62
C ASP C 78 -37.25 -30.12 16.27
N PHE C 79 -37.32 -30.07 17.60
CA PHE C 79 -37.49 -28.78 18.27
C PHE C 79 -36.25 -27.91 18.14
N TYR C 80 -35.06 -28.51 18.27
CA TYR C 80 -33.83 -27.73 18.15
C TYR C 80 -33.61 -27.25 16.72
N ALA C 81 -34.06 -28.01 15.72
CA ALA C 81 -33.92 -27.64 14.32
C ALA C 81 -34.94 -26.60 13.88
N SER C 82 -35.75 -26.10 14.79
CA SER C 82 -36.73 -25.06 14.47
C SER C 82 -36.01 -23.75 14.15
N GLN C 83 -36.54 -23.03 13.16
CA GLN C 83 -35.91 -21.78 12.75
C GLN C 83 -35.92 -20.75 13.88
N GLY C 84 -37.00 -20.70 14.65
CA GLY C 84 -37.05 -19.76 15.76
C GLY C 84 -35.99 -20.06 16.80
N VAL C 85 -35.80 -21.34 17.13
CA VAL C 85 -34.77 -21.72 18.09
C VAL C 85 -33.38 -21.41 17.54
N GLN C 86 -33.16 -21.64 16.26
CA GLN C 86 -31.86 -21.32 15.67
C GLN C 86 -31.59 -19.82 15.72
N TYR C 87 -32.60 -18.99 15.42
CA TYR C 87 -32.41 -17.55 15.52
C TYR C 87 -32.21 -17.09 16.95
N PHE C 88 -32.89 -17.73 17.90
CA PHE C 88 -32.66 -17.39 19.31
C PHE C 88 -31.23 -17.72 19.72
N THR C 89 -30.72 -18.87 19.28
CA THR C 89 -29.33 -19.23 19.58
C THR C 89 -28.36 -18.26 18.91
N ALA C 90 -28.67 -17.85 17.68
CA ALA C 90 -27.83 -16.87 16.99
C ALA C 90 -27.83 -15.54 17.74
N PHE C 91 -28.99 -15.11 18.23
CA PHE C 91 -29.05 -13.90 19.03
C PHE C 91 -28.24 -14.06 20.31
N LEU C 92 -28.28 -15.24 20.92
CA LEU C 92 -27.48 -15.49 22.12
C LEU C 92 -25.99 -15.37 21.82
N ILE C 93 -25.54 -15.95 20.71
CA ILE C 93 -24.12 -15.87 20.34
C ILE C 93 -23.71 -14.44 20.07
N VAL C 94 -24.54 -13.69 19.33
CA VAL C 94 -24.23 -12.30 19.04
C VAL C 94 -24.22 -11.47 20.32
N SER C 95 -25.15 -11.74 21.24
CA SER C 95 -25.17 -11.03 22.51
C SER C 95 -23.93 -11.34 23.33
N ASN C 96 -23.46 -12.59 23.31
CA ASN C 96 -22.22 -12.92 24.01
C ASN C 96 -21.02 -12.21 23.39
N PHE C 97 -20.98 -12.14 22.05
CA PHE C 97 -19.92 -11.41 21.38
C PHE C 97 -19.93 -9.93 21.76
N ILE C 98 -21.11 -9.33 21.78
CA ILE C 98 -21.23 -7.93 22.18
C ILE C 98 -20.86 -7.75 23.65
N PHE C 99 -21.19 -8.73 24.49
CA PHE C 99 -20.77 -8.66 25.89
C PHE C 99 -19.25 -8.67 26.03
N ASN C 100 -18.59 -9.54 25.27
CA ASN C 100 -17.12 -9.56 25.29
C ASN C 100 -16.54 -8.24 24.78
N CYS C 101 -17.12 -7.71 23.70
CA CYS C 101 -16.64 -6.44 23.15
C CYS C 101 -16.83 -5.31 24.17
N ALA C 102 -17.98 -5.28 24.84
CA ALA C 102 -18.23 -4.25 25.84
C ALA C 102 -17.29 -4.39 27.03
N GLU C 103 -16.99 -5.64 27.42
CA GLU C 103 -16.02 -5.87 28.49
C GLU C 103 -14.66 -5.32 28.11
N LYS C 104 -14.22 -5.59 26.87
CA LYS C 104 -12.91 -5.12 26.44
C LYS C 104 -12.91 -3.63 26.16
N GLU C 105 -14.08 -3.01 25.99
CA GLU C 105 -14.14 -1.57 25.72
C GLU C 105 -14.21 -0.76 27.01
N TRP C 106 -15.22 -0.99 27.83
CA TRP C 106 -15.47 -0.15 28.99
C TRP C 106 -14.72 -0.59 30.24
N ASP C 107 -14.11 -1.78 30.24
CA ASP C 107 -13.40 -2.28 31.42
C ASP C 107 -12.46 -3.42 31.03
N PRO C 108 -11.38 -3.12 30.30
CA PRO C 108 -10.37 -4.14 30.03
C PRO C 108 -9.19 -4.12 30.98
N TYR C 109 -9.21 -3.25 31.99
CA TYR C 109 -8.03 -2.98 32.79
C TYR C 109 -7.72 -4.16 33.72
N THR C 110 -6.49 -4.18 34.23
CA THR C 110 -6.10 -5.20 35.20
C THR C 110 -6.90 -5.03 36.49
N ASP C 111 -7.04 -3.79 36.95
CA ASP C 111 -7.92 -3.47 38.08
C ASP C 111 -9.30 -3.16 37.51
N GLN C 112 -10.09 -4.21 37.30
CA GLN C 112 -11.42 -4.06 36.73
C GLN C 112 -12.36 -3.38 37.72
N LEU C 113 -13.18 -2.48 37.20
CA LEU C 113 -14.12 -1.72 38.02
C LEU C 113 -15.41 -2.48 38.28
N TYR C 114 -16.01 -3.03 37.23
CA TYR C 114 -17.22 -3.85 37.34
C TYR C 114 -16.79 -5.28 37.05
N GLN C 115 -16.35 -5.96 38.10
CA GLN C 115 -15.68 -7.24 37.98
C GLN C 115 -16.68 -8.39 37.94
N GLY C 116 -17.52 -8.46 38.98
CA GLY C 116 -18.57 -9.45 39.01
C GLY C 116 -19.54 -9.33 37.86
N LEU C 117 -19.67 -8.13 37.29
CA LEU C 117 -20.58 -7.96 36.16
C LEU C 117 -20.19 -8.88 35.01
N TRP C 118 -18.95 -8.78 34.52
CA TRP C 118 -18.50 -9.68 33.48
C TRP C 118 -18.38 -11.12 33.97
N ARG C 119 -17.96 -11.32 35.22
CA ARG C 119 -17.83 -12.69 35.72
C ARG C 119 -19.17 -13.44 35.64
N TRP C 120 -20.22 -12.85 36.21
CA TRP C 120 -21.53 -13.49 36.19
C TRP C 120 -22.20 -13.44 34.83
N GLY C 121 -21.89 -12.46 33.99
CA GLY C 121 -22.39 -12.49 32.63
C GLY C 121 -21.85 -13.69 31.87
N GLU C 122 -20.54 -13.93 31.98
CA GLU C 122 -19.97 -15.13 31.39
C GLU C 122 -20.55 -16.39 32.01
N PHE C 123 -20.77 -16.37 33.33
CA PHE C 123 -21.40 -17.51 34.01
C PHE C 123 -22.75 -17.84 33.37
N ALA C 124 -23.61 -16.83 33.25
CA ALA C 124 -24.94 -17.06 32.67
C ALA C 124 -24.86 -17.48 31.22
N PHE C 125 -23.96 -16.88 30.45
CA PHE C 125 -23.85 -17.24 29.03
C PHE C 125 -23.41 -18.69 28.88
N ASN C 126 -22.41 -19.13 29.65
CA ASN C 126 -21.98 -20.52 29.58
C ASN C 126 -23.08 -21.45 30.06
N THR C 127 -23.84 -21.06 31.08
CA THR C 127 -24.94 -21.90 31.55
C THR C 127 -25.99 -22.09 30.45
N MET C 128 -26.36 -20.99 29.79
CA MET C 128 -27.35 -21.07 28.73
C MET C 128 -26.84 -21.90 27.55
N PHE C 129 -25.55 -21.72 27.21
CA PHE C 129 -24.97 -22.52 26.14
C PHE C 129 -24.92 -24.00 26.52
N LEU C 130 -24.67 -24.29 27.80
CA LEU C 130 -24.73 -25.67 28.27
C LEU C 130 -26.12 -26.26 28.12
N ILE C 131 -27.14 -25.52 28.52
CA ILE C 131 -28.50 -26.04 28.43
C ILE C 131 -28.90 -26.25 26.97
N GLU C 132 -28.59 -25.29 26.10
CA GLU C 132 -28.89 -25.47 24.68
C GLU C 132 -28.07 -26.57 24.03
N LEU C 133 -26.80 -26.75 24.42
CA LEU C 133 -26.03 -27.87 23.91
C LEU C 133 -26.61 -29.20 24.35
N LEU C 134 -27.03 -29.31 25.61
CA LEU C 134 -27.64 -30.54 26.08
C LEU C 134 -28.93 -30.81 25.31
N ILE C 135 -29.70 -29.77 25.01
CA ILE C 135 -30.85 -29.93 24.14
C ILE C 135 -30.42 -30.46 22.77
N ASN C 136 -29.33 -29.92 22.23
CA ASN C 136 -28.86 -30.38 20.91
C ASN C 136 -28.46 -31.85 20.94
N PHE C 137 -27.74 -32.27 21.99
CA PHE C 137 -27.21 -33.64 22.00
C PHE C 137 -28.30 -34.65 22.38
N TYR C 138 -29.28 -34.23 23.18
CA TYR C 138 -30.31 -35.17 23.61
C TYR C 138 -31.16 -35.63 22.42
N GLY C 139 -31.26 -34.81 21.38
CA GLY C 139 -31.95 -35.21 20.17
C GLY C 139 -31.13 -36.13 19.27
N ILE C 140 -29.84 -36.26 19.53
CA ILE C 140 -28.97 -37.13 18.75
C ILE C 140 -28.40 -38.24 19.64
N ALA C 141 -29.02 -38.47 20.79
CA ALA C 141 -28.65 -39.53 21.72
C ALA C 141 -27.21 -39.41 22.21
N PHE C 142 -26.72 -38.18 22.36
CA PHE C 142 -25.39 -37.90 22.87
C PHE C 142 -24.29 -38.53 21.99
N CYS C 143 -24.62 -38.82 20.73
CA CYS C 143 -23.73 -39.56 19.85
C CYS C 143 -22.73 -38.65 19.13
N PHE C 144 -23.23 -37.63 18.43
CA PHE C 144 -22.46 -36.61 17.71
C PHE C 144 -21.35 -37.17 16.83
N TRP C 145 -21.43 -38.44 16.44
CA TRP C 145 -20.52 -38.94 15.42
C TRP C 145 -21.15 -38.88 14.03
N ARG C 146 -22.46 -39.12 13.95
CA ARG C 146 -23.13 -39.30 12.67
C ARG C 146 -23.69 -38.01 12.08
N TYR C 147 -24.06 -37.05 12.92
CA TYR C 147 -24.76 -35.85 12.47
C TYR C 147 -23.95 -34.61 12.81
N ASN C 148 -23.41 -33.95 11.79
CA ASN C 148 -22.70 -32.68 11.92
C ASN C 148 -21.58 -32.77 12.96
N TRP C 149 -20.60 -33.63 12.67
CA TRP C 149 -19.56 -33.93 13.65
C TRP C 149 -18.70 -32.70 13.96
N ALA C 150 -18.31 -31.94 12.94
CA ALA C 150 -17.36 -30.85 13.14
C ALA C 150 -17.96 -29.72 13.96
N TRP C 151 -19.16 -29.28 13.59
CA TRP C 151 -19.81 -28.21 14.35
C TRP C 151 -20.11 -28.66 15.77
N ASN C 152 -20.55 -29.91 15.94
CA ASN C 152 -20.85 -30.41 17.27
C ASN C 152 -19.59 -30.46 18.14
N THR C 153 -18.46 -30.90 17.59
CA THR C 153 -17.25 -30.95 18.41
C THR C 153 -16.73 -29.55 18.71
N PHE C 154 -16.85 -28.61 17.77
CA PHE C 154 -16.48 -27.22 18.07
C PHE C 154 -17.34 -26.66 19.19
N ASP C 155 -18.65 -26.92 19.12
CA ASP C 155 -19.55 -26.49 20.19
C ASP C 155 -19.12 -27.10 21.51
N LEU C 156 -18.81 -28.39 21.46
CA LEU C 156 -18.37 -29.09 22.65
C LEU C 156 -17.20 -28.33 23.22
N VAL C 157 -16.18 -28.05 22.44
CA VAL C 157 -14.99 -27.43 23.02
C VAL C 157 -15.25 -26.07 23.66
N VAL C 158 -16.02 -25.21 22.99
CA VAL C 158 -16.34 -23.92 23.59
C VAL C 158 -17.18 -24.05 24.86
N VAL C 159 -18.17 -24.94 24.88
CA VAL C 159 -18.93 -25.11 26.11
C VAL C 159 -18.05 -25.66 27.21
N ALA C 160 -17.09 -26.51 26.87
CA ALA C 160 -16.16 -27.05 27.85
C ALA C 160 -15.31 -25.96 28.45
N ILE C 161 -14.84 -25.04 27.60
CA ILE C 161 -14.08 -23.93 28.16
C ILE C 161 -15.00 -23.12 29.07
N GLY C 162 -16.26 -22.99 28.68
CA GLY C 162 -17.22 -22.29 29.51
C GLY C 162 -17.44 -22.93 30.87
N THR C 163 -17.50 -24.25 30.90
CA THR C 163 -17.70 -24.94 32.16
C THR C 163 -16.43 -24.83 32.98
N LEU C 164 -15.28 -24.93 32.31
CA LEU C 164 -14.03 -24.75 33.03
C LEU C 164 -13.96 -23.36 33.68
N THR C 165 -14.35 -22.32 32.92
CA THR C 165 -14.36 -20.98 33.48
C THR C 165 -15.33 -20.85 34.65
N MET C 166 -16.54 -21.40 34.51
CA MET C 166 -17.50 -21.36 35.61
C MET C 166 -17.00 -22.13 36.83
N ALA C 167 -16.39 -23.29 36.61
CA ALA C 167 -15.84 -24.06 37.73
C ALA C 167 -14.72 -23.29 38.43
N GLU C 168 -13.86 -22.61 37.68
CA GLU C 168 -12.86 -21.75 38.30
C GLU C 168 -13.47 -20.58 39.05
N ALA C 169 -14.52 -19.97 38.51
CA ALA C 169 -15.18 -18.87 39.20
C ALA C 169 -15.89 -19.33 40.47
N ILE C 170 -16.32 -20.58 40.53
CA ILE C 170 -17.04 -21.12 41.69
C ILE C 170 -16.07 -21.62 42.75
N GLY C 171 -15.13 -22.48 42.39
CA GLY C 171 -14.33 -23.17 43.38
C GLY C 171 -12.83 -22.98 43.29
N GLY C 172 -12.39 -21.75 43.01
CA GLY C 172 -10.97 -21.43 43.04
C GLY C 172 -10.26 -21.75 41.74
N ASN C 173 -8.94 -21.62 41.79
CA ASN C 173 -8.09 -21.82 40.62
C ASN C 173 -7.59 -23.26 40.57
N PHE C 174 -8.32 -24.06 39.80
CA PHE C 174 -7.96 -25.46 39.59
C PHE C 174 -6.99 -25.66 38.44
N MET C 175 -6.57 -24.59 37.76
CA MET C 175 -5.68 -24.67 36.61
C MET C 175 -4.40 -23.89 36.86
N PRO C 176 -3.28 -24.32 36.26
CA PRO C 176 -2.06 -23.51 36.32
C PRO C 176 -2.24 -22.23 35.54
N PRO C 177 -1.48 -21.19 35.86
CA PRO C 177 -1.63 -19.90 35.15
C PRO C 177 -1.03 -19.92 33.76
N SER C 178 -0.65 -21.11 33.27
CA SER C 178 0.00 -21.26 31.97
C SER C 178 -0.97 -21.60 30.85
N MET C 179 -2.28 -21.54 31.08
CA MET C 179 -3.26 -21.90 30.08
C MET C 179 -4.32 -20.80 29.94
N ALA C 180 -3.88 -19.54 29.99
CA ALA C 180 -4.80 -18.43 29.74
C ALA C 180 -5.23 -18.38 28.28
N LEU C 181 -4.36 -18.80 27.36
CA LEU C 181 -4.72 -18.83 25.94
C LEU C 181 -5.87 -19.79 25.67
N ILE C 182 -6.02 -20.84 26.46
CA ILE C 182 -7.19 -21.71 26.34
C ILE C 182 -8.46 -21.04 26.85
N ARG C 183 -8.38 -20.31 27.96
CA ARG C 183 -9.49 -19.47 28.40
C ARG C 183 -9.84 -18.42 27.35
N ASN C 184 -8.88 -18.04 26.52
CA ASN C 184 -9.08 -17.00 25.52
C ASN C 184 -10.07 -17.41 24.42
N LEU C 185 -10.45 -18.68 24.36
CA LEU C 185 -11.29 -19.21 23.29
C LEU C 185 -12.69 -18.62 23.30
N ARG C 186 -13.10 -17.93 24.38
CA ARG C 186 -14.42 -17.34 24.43
C ARG C 186 -14.62 -16.32 23.31
N ALA C 187 -13.54 -15.70 22.83
CA ALA C 187 -13.67 -14.72 21.76
C ALA C 187 -14.06 -15.37 20.44
N PHE C 188 -13.77 -16.67 20.28
CA PHE C 188 -14.07 -17.39 19.05
C PHE C 188 -15.44 -18.06 19.07
N ARG C 189 -16.27 -17.75 20.08
CA ARG C 189 -17.62 -18.30 20.12
C ARG C 189 -18.50 -17.75 19.00
N ILE C 190 -18.14 -16.59 18.45
CA ILE C 190 -18.95 -15.98 17.41
C ILE C 190 -18.93 -16.83 16.14
N PHE C 191 -17.90 -17.67 16.00
CA PHE C 191 -17.85 -18.59 14.85
C PHE C 191 -19.02 -19.55 14.83
N ARG C 192 -19.67 -19.76 15.98
CA ARG C 192 -20.89 -20.57 16.00
C ARG C 192 -22.01 -19.91 15.22
N LEU C 193 -22.00 -18.57 15.15
CA LEU C 193 -23.04 -17.86 14.42
C LEU C 193 -23.01 -18.20 12.93
N PHE C 194 -21.83 -18.50 12.39
CA PHE C 194 -21.70 -18.77 10.96
C PHE C 194 -22.53 -19.97 10.53
N LYS C 195 -22.80 -20.92 11.41
CA LYS C 195 -23.71 -22.02 11.11
C LYS C 195 -25.17 -21.58 11.15
N ARG C 196 -25.48 -20.54 11.93
CA ARG C 196 -26.86 -20.09 12.05
C ARG C 196 -27.36 -19.41 10.77
N ILE C 197 -26.50 -18.61 10.12
CA ILE C 197 -26.91 -17.85 8.95
C ILE C 197 -26.29 -18.49 7.71
N LYS C 198 -27.11 -18.68 6.67
CA LYS C 198 -26.67 -19.44 5.51
C LYS C 198 -25.65 -18.70 4.66
N SER C 199 -25.75 -17.38 4.53
CA SER C 199 -24.84 -16.64 3.64
C SER C 199 -23.42 -16.63 4.17
N LEU C 200 -23.25 -16.33 5.46
CA LEU C 200 -21.93 -16.38 6.07
C LEU C 200 -21.35 -17.79 6.01
N ASN C 201 -22.19 -18.80 6.18
CA ASN C 201 -21.75 -20.18 6.03
C ASN C 201 -21.26 -20.43 4.60
N LYS C 202 -21.99 -19.94 3.60
CA LYS C 202 -21.56 -20.10 2.22
C LYS C 202 -20.19 -19.46 2.00
N ILE C 203 -20.00 -18.25 2.51
CA ILE C 203 -18.73 -17.56 2.27
C ILE C 203 -17.58 -18.29 2.94
N ILE C 204 -17.75 -18.70 4.20
CA ILE C 204 -16.65 -19.37 4.90
C ILE C 204 -16.36 -20.74 4.29
N VAL C 205 -17.41 -21.44 3.85
CA VAL C 205 -17.21 -22.73 3.19
C VAL C 205 -16.47 -22.55 1.87
N SER C 206 -16.79 -21.50 1.11
CA SER C 206 -16.07 -21.22 -0.12
C SER C 206 -14.60 -20.89 0.16
N LEU C 207 -14.34 -20.12 1.21
CA LEU C 207 -12.96 -19.83 1.58
C LEU C 207 -12.20 -21.12 1.92
N GLY C 208 -12.84 -22.00 2.68
CA GLY C 208 -12.21 -23.26 3.05
C GLY C 208 -11.93 -24.15 1.85
N LYS C 209 -12.85 -24.17 0.88
CA LYS C 209 -12.66 -24.99 -0.31
C LYS C 209 -11.80 -24.32 -1.36
N ALA C 210 -11.46 -23.04 -1.19
CA ALA C 210 -10.53 -22.37 -2.08
C ALA C 210 -9.10 -22.32 -1.55
N ILE C 211 -8.90 -22.48 -0.23
CA ILE C 211 -7.55 -22.50 0.32
C ILE C 211 -6.64 -23.55 -0.34
N PRO C 212 -7.08 -24.79 -0.57
CA PRO C 212 -6.19 -25.77 -1.22
C PRO C 212 -5.69 -25.34 -2.59
N GLY C 213 -6.47 -24.57 -3.35
CA GLY C 213 -5.98 -24.03 -4.59
C GLY C 213 -4.87 -23.03 -4.36
N VAL C 214 -4.97 -22.28 -3.26
CA VAL C 214 -3.94 -21.31 -2.90
C VAL C 214 -2.64 -22.02 -2.54
N ALA C 215 -2.76 -23.18 -1.88
CA ALA C 215 -1.61 -23.84 -1.25
C ALA C 215 -0.33 -23.88 -2.09
N ASN C 216 -0.45 -24.20 -3.38
CA ASN C 216 0.75 -24.38 -4.21
C ASN C 216 1.46 -23.05 -4.46
N ALA C 217 0.72 -22.03 -4.87
CA ALA C 217 1.33 -20.72 -5.07
C ALA C 217 1.83 -20.15 -3.74
N PHE C 218 1.13 -20.44 -2.65
CA PHE C 218 1.59 -19.99 -1.34
C PHE C 218 2.93 -20.63 -0.97
N VAL C 219 3.09 -21.92 -1.24
CA VAL C 219 4.36 -22.56 -0.91
C VAL C 219 5.47 -22.07 -1.83
N ILE C 220 5.16 -21.74 -3.08
CA ILE C 220 6.16 -21.10 -3.94
C ILE C 220 6.58 -19.76 -3.34
N MET C 221 5.61 -18.97 -2.89
CA MET C 221 5.93 -17.69 -2.25
C MET C 221 6.84 -17.89 -1.06
N VAL C 222 6.51 -18.83 -0.18
CA VAL C 222 7.30 -18.98 1.03
C VAL C 222 8.68 -19.53 0.72
N ILE C 223 8.80 -20.36 -0.33
CA ILE C 223 10.11 -20.83 -0.75
C ILE C 223 10.98 -19.67 -1.20
N ILE C 224 10.43 -18.79 -2.03
CA ILE C 224 11.20 -17.65 -2.52
C ILE C 224 11.51 -16.69 -1.36
N MET C 225 10.57 -16.54 -0.43
CA MET C 225 10.78 -15.70 0.73
C MET C 225 11.93 -16.22 1.58
N CYS C 226 12.00 -17.53 1.79
CA CYS C 226 13.10 -18.10 2.55
C CYS C 226 14.42 -17.99 1.81
N ILE C 227 14.40 -18.11 0.48
CA ILE C 227 15.63 -17.89 -0.30
C ILE C 227 16.16 -16.49 -0.06
N TYR C 228 15.29 -15.49 -0.22
CA TYR C 228 15.70 -14.11 -0.01
C TYR C 228 16.09 -13.87 1.45
N ALA C 229 15.49 -14.61 2.39
CA ALA C 229 15.85 -14.47 3.78
C ALA C 229 17.27 -14.99 4.04
N ILE C 230 17.61 -16.14 3.45
CA ILE C 230 18.97 -16.65 3.56
C ILE C 230 19.96 -15.64 2.99
N LEU C 231 19.66 -15.11 1.80
CA LEU C 231 20.55 -14.13 1.20
C LEU C 231 20.68 -12.89 2.07
N GLY C 232 19.57 -12.40 2.63
CA GLY C 232 19.62 -11.21 3.45
C GLY C 232 20.38 -11.41 4.74
N VAL C 233 20.22 -12.57 5.38
CA VAL C 233 20.99 -12.86 6.59
C VAL C 233 22.46 -12.92 6.26
N GLU C 234 22.82 -13.52 5.12
CA GLU C 234 24.22 -13.63 4.77
C GLU C 234 24.83 -12.28 4.44
N PHE C 235 24.06 -11.39 3.81
CA PHE C 235 24.61 -10.10 3.40
C PHE C 235 24.58 -9.08 4.53
N TYR C 236 23.39 -8.76 5.04
CA TYR C 236 23.20 -7.55 5.84
C TYR C 236 23.09 -7.81 7.34
N HIS C 237 23.36 -9.02 7.82
CA HIS C 237 23.29 -9.27 9.25
C HIS C 237 24.40 -8.56 10.00
N MET C 238 25.39 -8.04 9.26
CA MET C 238 26.56 -7.40 9.85
C MET C 238 26.49 -5.89 9.64
N THR C 239 25.39 -5.40 9.05
CA THR C 239 25.30 -4.00 8.61
C THR C 239 24.99 -3.07 9.78
N GLY C 240 25.70 -1.96 9.83
CA GLY C 240 25.51 -0.99 10.90
C GLY C 240 25.80 -1.57 12.27
N SER C 241 26.78 -2.47 12.34
CA SER C 241 26.99 -3.23 13.57
C SER C 241 27.57 -2.37 14.68
N ASP C 242 28.46 -1.45 14.33
CA ASP C 242 28.98 -0.52 15.34
C ASP C 242 27.85 0.32 15.91
N GLY C 243 26.73 0.40 15.19
CA GLY C 243 25.63 1.27 15.53
C GLY C 243 25.54 2.49 14.65
N THR C 244 26.63 2.84 13.98
CA THR C 244 26.67 3.95 13.03
C THR C 244 27.31 3.46 11.74
N TYR C 245 26.76 3.90 10.62
CA TYR C 245 27.31 3.56 9.31
C TYR C 245 27.60 4.84 8.54
N VAL C 246 28.52 4.73 7.58
CA VAL C 246 29.05 5.89 6.87
C VAL C 246 28.47 5.92 5.46
N THR C 247 27.82 7.02 5.12
CA THR C 247 27.42 7.32 3.74
C THR C 247 28.33 8.42 3.21
N TYR C 248 28.57 8.40 1.90
CA TYR C 248 29.54 9.28 1.27
C TYR C 248 28.83 10.34 0.46
N ASN C 249 29.09 11.60 0.79
CA ASN C 249 28.55 12.73 0.05
C ASN C 249 29.29 12.89 -1.28
N ASP C 250 28.76 13.78 -2.11
CA ASP C 250 29.37 14.14 -3.39
C ASP C 250 29.43 15.65 -3.52
N ASN C 251 29.79 16.32 -2.42
CA ASN C 251 29.59 17.77 -2.31
C ASN C 251 30.45 18.55 -3.30
N VAL C 252 31.71 18.16 -3.45
CA VAL C 252 32.62 18.90 -4.33
C VAL C 252 32.12 19.02 -5.76
N LYS C 253 31.74 17.91 -6.37
CA LYS C 253 31.23 17.94 -7.73
C LYS C 253 29.95 18.74 -7.81
N ARG C 254 29.09 18.63 -6.82
CA ARG C 254 27.87 19.41 -6.80
C ARG C 254 28.15 20.88 -6.51
N GLY C 255 29.40 21.22 -6.20
CA GLY C 255 29.73 22.62 -5.99
C GLY C 255 29.35 23.19 -4.65
N LEU C 256 28.83 22.38 -3.73
CA LEU C 256 28.47 22.90 -2.40
C LEU C 256 29.70 23.37 -1.65
N CYS C 257 30.80 22.62 -1.73
CA CYS C 257 32.05 23.02 -1.10
C CYS C 257 33.18 22.81 -2.10
N THR C 258 34.18 23.69 -2.02
CA THR C 258 35.31 23.62 -2.93
C THR C 258 36.16 22.38 -2.64
N GLY C 259 36.87 21.91 -3.67
CA GLY C 259 37.69 20.73 -3.50
C GLY C 259 38.90 20.97 -2.62
N ASP C 260 39.30 22.24 -2.48
CA ASP C 260 40.47 22.56 -1.66
C ASP C 260 40.19 22.31 -0.19
N GLU C 261 39.01 22.69 0.30
CA GLU C 261 38.75 22.61 1.74
C GLU C 261 38.48 21.17 2.18
N VAL C 262 37.98 20.33 1.27
CA VAL C 262 37.73 18.93 1.62
C VAL C 262 39.04 18.21 1.95
N GLU C 263 40.05 18.38 1.10
CA GLU C 263 41.38 17.88 1.42
C GLU C 263 41.98 18.66 2.59
N LEU C 264 41.71 19.97 2.65
CA LEU C 264 42.31 20.82 3.66
C LEU C 264 41.69 20.58 5.04
N GLY C 265 40.45 20.08 5.08
CA GLY C 265 39.85 19.65 6.33
C GLY C 265 38.69 20.47 6.83
N GLN C 266 38.21 21.46 6.06
CA GLN C 266 37.03 22.20 6.48
C GLN C 266 35.76 21.38 6.31
N CYS C 267 35.66 20.63 5.21
CA CYS C 267 34.49 19.82 4.93
C CYS C 267 34.92 18.41 4.57
N SER C 268 33.97 17.49 4.62
CA SER C 268 34.23 16.08 4.34
C SER C 268 33.15 15.52 3.42
N LEU C 269 33.55 14.51 2.65
CA LEU C 269 32.63 13.80 1.77
C LEU C 269 31.95 12.61 2.45
N ASN C 270 32.27 12.38 3.71
CA ASN C 270 31.66 11.27 4.44
C ASN C 270 31.00 11.71 5.73
N GLN C 271 29.84 11.13 6.03
CA GLN C 271 29.19 11.43 7.30
C GLN C 271 28.76 10.13 7.96
N THR C 272 28.89 10.06 9.28
CA THR C 272 28.52 8.87 9.98
C THR C 272 27.10 9.04 10.48
N VAL C 273 26.22 8.15 10.07
CA VAL C 273 24.83 8.25 10.47
C VAL C 273 24.39 7.01 11.24
N SER C 274 23.75 7.20 12.39
CA SER C 274 23.34 6.08 13.22
C SER C 274 22.52 5.00 12.54
N SER C 275 22.82 3.75 12.86
CA SER C 275 22.07 2.63 12.31
C SER C 275 21.06 2.04 13.29
N GLU C 276 21.00 2.56 14.51
CA GLU C 276 20.08 2.05 15.50
C GLU C 276 18.63 2.30 15.07
N THR C 277 17.77 1.35 15.37
CA THR C 277 16.37 1.41 14.97
C THR C 277 15.50 1.90 16.13
N ALA C 278 14.19 1.95 15.89
CA ALA C 278 13.26 2.36 16.94
C ALA C 278 13.18 1.32 18.06
N ARG C 279 13.53 0.07 17.76
CA ARG C 279 13.50 -1.00 18.74
C ARG C 279 14.80 -1.14 19.52
N GLY C 280 15.78 -0.27 19.27
CA GLY C 280 17.04 -0.31 19.96
C GLY C 280 18.12 -1.12 19.29
N TYR C 281 17.75 -2.03 18.38
CA TYR C 281 18.71 -2.84 17.67
C TYR C 281 19.39 -2.03 16.57
N THR C 282 20.51 -2.54 16.09
CA THR C 282 21.09 -2.03 14.86
C THR C 282 20.27 -2.52 13.67
N TYR C 283 20.56 -1.98 12.49
CA TYR C 283 19.79 -2.33 11.30
C TYR C 283 19.92 -3.82 10.98
N GLY C 284 21.14 -4.33 10.88
CA GLY C 284 21.32 -5.72 10.54
C GLY C 284 20.74 -6.66 11.59
N GLU C 285 21.04 -6.38 12.86
CA GLU C 285 20.62 -7.27 13.94
C GLU C 285 19.11 -7.42 14.00
N GLU C 286 18.37 -6.32 13.78
CA GLU C 286 16.92 -6.41 13.82
C GLU C 286 16.35 -6.98 12.53
N TYR C 287 16.58 -6.28 11.40
CA TYR C 287 15.91 -6.68 10.17
C TYR C 287 16.38 -8.05 9.68
N TYR C 288 17.69 -8.26 9.59
CA TYR C 288 18.23 -9.51 9.07
C TYR C 288 19.20 -10.16 10.05
N GLY C 289 18.96 -10.03 11.36
CA GLY C 289 19.86 -10.62 12.34
C GLY C 289 19.88 -12.13 12.29
N THR C 290 18.71 -12.76 12.21
CA THR C 290 18.60 -14.21 12.09
C THR C 290 17.68 -14.52 10.90
N PHE C 291 17.52 -15.81 10.62
CA PHE C 291 16.69 -16.21 9.48
C PHE C 291 15.24 -15.84 9.70
N PHE C 292 14.73 -16.00 10.92
CA PHE C 292 13.32 -15.69 11.16
C PHE C 292 13.07 -14.19 11.22
N ARG C 293 14.02 -13.42 11.76
CA ARG C 293 13.93 -11.97 11.67
C ARG C 293 13.94 -11.52 10.21
N ALA C 294 14.80 -12.15 9.39
CA ALA C 294 14.84 -11.82 7.98
C ALA C 294 13.54 -12.17 7.28
N LEU C 295 12.96 -13.33 7.60
CA LEU C 295 11.70 -13.72 6.99
C LEU C 295 10.58 -12.76 7.38
N TYR C 296 10.55 -12.33 8.64
CA TYR C 296 9.57 -11.34 9.06
C TYR C 296 9.76 -10.01 8.33
N THR C 297 11.02 -9.57 8.18
CA THR C 297 11.28 -8.33 7.47
C THR C 297 10.87 -8.43 6.01
N LEU C 298 11.09 -9.58 5.40
CA LEU C 298 10.67 -9.77 4.01
C LEU C 298 9.15 -9.84 3.91
N PHE C 299 8.47 -10.37 4.93
CA PHE C 299 7.01 -10.29 4.94
C PHE C 299 6.54 -8.84 5.02
N GLN C 300 7.22 -8.05 5.85
CA GLN C 300 6.92 -6.62 5.93
C GLN C 300 7.08 -5.95 4.57
N VAL C 301 8.17 -6.26 3.86
CA VAL C 301 8.38 -5.71 2.53
C VAL C 301 7.32 -6.22 1.56
N LEU C 302 6.93 -7.49 1.70
CA LEU C 302 5.91 -8.06 0.83
C LEU C 302 4.58 -7.32 0.97
N THR C 303 4.19 -7.01 2.21
CA THR C 303 3.00 -6.21 2.42
C THR C 303 3.19 -4.79 1.92
N GLY C 304 4.44 -4.33 1.82
CA GLY C 304 4.76 -3.02 1.33
C GLY C 304 4.96 -1.95 2.39
N GLU C 305 5.15 -2.34 3.65
CA GLU C 305 5.23 -1.39 4.75
C GLU C 305 6.68 -0.94 4.95
N SER C 306 6.94 0.34 4.70
CA SER C 306 8.19 1.01 5.06
C SER C 306 9.42 0.23 4.58
N TRP C 307 9.31 -0.39 3.40
CA TRP C 307 10.42 -1.19 2.91
C TRP C 307 11.60 -0.33 2.49
N SER C 308 11.40 0.94 2.17
CA SER C 308 12.46 1.80 1.69
C SER C 308 13.12 2.60 2.80
N GLU C 309 12.34 3.45 3.50
CA GLU C 309 12.93 4.39 4.44
C GLU C 309 13.53 3.70 5.66
N ALA C 310 13.17 2.44 5.90
CA ALA C 310 13.67 1.70 7.04
C ALA C 310 14.49 0.47 6.65
N VAL C 311 14.00 -0.30 5.68
CA VAL C 311 14.64 -1.58 5.34
C VAL C 311 15.64 -1.41 4.20
N ALA C 312 15.23 -0.78 3.10
CA ALA C 312 16.06 -0.79 1.91
C ALA C 312 17.12 0.31 1.92
N ARG C 313 16.71 1.56 2.04
CA ARG C 313 17.59 2.70 1.78
C ARG C 313 18.88 2.73 2.60
N PRO C 314 18.86 2.43 3.91
CA PRO C 314 20.14 2.36 4.62
C PRO C 314 21.10 1.34 4.03
N ALA C 315 20.60 0.19 3.60
CA ALA C 315 21.47 -0.81 2.98
C ALA C 315 21.90 -0.37 1.58
N VAL C 316 20.99 0.28 0.84
CA VAL C 316 21.31 0.76 -0.50
C VAL C 316 22.44 1.77 -0.46
N PHE C 317 22.35 2.73 0.45
CA PHE C 317 23.35 3.79 0.54
C PHE C 317 24.51 3.43 1.45
N GLU C 318 24.46 2.27 2.12
CA GLU C 318 25.66 1.72 2.73
C GLU C 318 26.72 1.37 1.69
N SER C 319 26.33 0.78 0.58
CA SER C 319 27.24 0.45 -0.51
C SER C 319 27.68 1.73 -1.19
N HIS C 320 28.97 2.06 -1.06
CA HIS C 320 29.49 3.30 -1.62
C HIS C 320 29.30 3.33 -3.13
N TYR C 321 29.92 2.39 -3.84
CA TYR C 321 29.74 2.26 -5.28
C TYR C 321 29.12 0.93 -5.68
N ASP C 322 28.96 0.00 -4.75
CA ASP C 322 28.31 -1.28 -5.00
C ASP C 322 26.80 -1.23 -4.78
N SER C 323 26.20 -0.06 -4.97
CA SER C 323 24.78 0.12 -4.66
C SER C 323 23.88 -0.81 -5.46
N PHE C 324 24.35 -1.31 -6.60
CA PHE C 324 23.55 -2.22 -7.42
C PHE C 324 23.11 -3.45 -6.64
N GLY C 325 23.89 -3.87 -5.64
CA GLY C 325 23.57 -5.03 -4.85
C GLY C 325 22.24 -4.90 -4.14
N PRO C 326 22.15 -3.98 -3.18
CA PRO C 326 20.87 -3.81 -2.45
C PRO C 326 19.71 -3.38 -3.33
N VAL C 327 19.94 -2.49 -4.31
CA VAL C 327 18.83 -2.07 -5.17
C VAL C 327 18.29 -3.27 -5.94
N LEU C 328 19.17 -4.07 -6.54
CA LEU C 328 18.69 -5.25 -7.26
C LEU C 328 18.03 -6.24 -6.31
N PHE C 329 18.62 -6.45 -5.13
CA PHE C 329 18.01 -7.31 -4.12
C PHE C 329 16.56 -6.92 -3.87
N TYR C 330 16.33 -5.70 -3.38
CA TYR C 330 14.98 -5.31 -2.98
C TYR C 330 14.06 -5.12 -4.18
N VAL C 331 14.57 -4.62 -5.31
CA VAL C 331 13.73 -4.41 -6.47
C VAL C 331 13.23 -5.75 -7.02
N SER C 332 14.14 -6.71 -7.19
CA SER C 332 13.74 -8.03 -7.67
C SER C 332 12.81 -8.71 -6.67
N PHE C 333 13.12 -8.60 -5.37
CA PHE C 333 12.25 -9.19 -4.37
C PHE C 333 10.84 -8.61 -4.45
N ILE C 334 10.74 -7.29 -4.47
CA ILE C 334 9.43 -6.64 -4.52
C ILE C 334 8.69 -7.05 -5.78
N ILE C 335 9.32 -6.90 -6.94
CA ILE C 335 8.67 -7.22 -8.20
C ILE C 335 8.16 -8.65 -8.16
N ILE C 336 9.08 -9.62 -8.05
CA ILE C 336 8.68 -11.02 -8.12
C ILE C 336 7.67 -11.33 -7.04
N CYS C 337 8.09 -11.30 -5.77
CA CYS C 337 7.20 -11.74 -4.70
C CYS C 337 5.94 -10.88 -4.65
N GLN C 338 6.07 -9.60 -4.30
CA GLN C 338 4.87 -8.79 -4.10
C GLN C 338 4.02 -8.81 -5.36
N ILE C 339 4.49 -8.22 -6.45
CA ILE C 339 3.59 -8.03 -7.58
C ILE C 339 3.16 -9.40 -8.10
N VAL C 340 4.11 -10.17 -8.63
CA VAL C 340 3.75 -11.39 -9.35
C VAL C 340 3.05 -12.36 -8.41
N LEU C 341 3.71 -12.73 -7.30
CA LEU C 341 3.20 -13.81 -6.49
C LEU C 341 1.94 -13.42 -5.72
N ILE C 342 1.89 -12.21 -5.13
CA ILE C 342 0.68 -11.80 -4.43
C ILE C 342 -0.50 -11.77 -5.40
N ASN C 343 -0.33 -11.19 -6.59
CA ASN C 343 -1.46 -11.12 -7.50
C ASN C 343 -1.85 -12.51 -8.00
N VAL C 344 -0.89 -13.41 -8.20
CA VAL C 344 -1.23 -14.77 -8.64
C VAL C 344 -2.02 -15.50 -7.56
N VAL C 345 -1.57 -15.39 -6.31
CA VAL C 345 -2.25 -16.07 -5.22
C VAL C 345 -3.66 -15.54 -5.04
N VAL C 346 -3.82 -14.21 -5.08
CA VAL C 346 -5.16 -13.66 -4.93
C VAL C 346 -6.02 -14.07 -6.11
N ALA C 347 -5.46 -14.09 -7.32
CA ALA C 347 -6.24 -14.48 -8.50
C ALA C 347 -6.74 -15.92 -8.38
N VAL C 348 -5.87 -16.83 -7.96
CA VAL C 348 -6.30 -18.23 -7.87
C VAL C 348 -7.29 -18.40 -6.73
N LEU C 349 -7.09 -17.72 -5.61
CA LEU C 349 -8.05 -17.78 -4.51
C LEU C 349 -9.43 -17.33 -4.96
N LEU C 350 -9.51 -16.13 -5.55
CA LEU C 350 -10.80 -15.61 -5.97
C LEU C 350 -11.41 -16.46 -7.09
N ASP C 351 -10.58 -17.00 -7.98
CA ASP C 351 -11.08 -17.88 -9.03
C ASP C 351 -11.74 -19.12 -8.45
N LYS C 352 -11.07 -19.75 -7.46
CA LYS C 352 -11.67 -20.93 -6.84
C LYS C 352 -12.97 -20.57 -6.12
N MET C 353 -13.00 -19.42 -5.43
CA MET C 353 -14.22 -19.06 -4.72
C MET C 353 -15.38 -18.84 -5.69
N VAL C 354 -15.15 -18.11 -6.78
CA VAL C 354 -16.26 -17.86 -7.70
C VAL C 354 -16.64 -19.10 -8.49
N GLU C 355 -15.68 -20.00 -8.75
CA GLU C 355 -16.02 -21.29 -9.33
C GLU C 355 -16.87 -22.12 -8.38
N GLU C 356 -16.67 -21.95 -7.07
CA GLU C 356 -17.55 -22.60 -6.10
C GLU C 356 -18.88 -21.87 -5.96
N ASP C 357 -18.94 -20.59 -6.32
CA ASP C 357 -20.18 -19.83 -6.20
C ASP C 357 -21.27 -20.43 -7.10
N ASP C 358 -20.91 -20.74 -8.34
CA ASP C 358 -21.88 -21.29 -9.29
C ASP C 358 -21.61 -22.78 -9.53
N TRP D 69 -55.32 19.88 -9.05
CA TRP D 69 -54.26 20.37 -9.91
C TRP D 69 -54.42 21.87 -10.17
N LEU D 70 -53.31 22.60 -10.09
CA LEU D 70 -53.33 24.04 -10.32
C LEU D 70 -53.58 24.33 -11.79
N PRO D 71 -54.17 25.49 -12.10
CA PRO D 71 -54.45 25.80 -13.52
C PRO D 71 -53.21 25.85 -14.39
N HIS D 72 -52.17 26.57 -13.95
CA HIS D 72 -50.93 26.71 -14.72
C HIS D 72 -49.84 25.77 -14.21
N GLN D 73 -50.22 24.58 -13.77
CA GLN D 73 -49.27 23.63 -13.20
C GLN D 73 -48.58 22.78 -14.26
N ARG D 74 -49.31 22.31 -15.27
CA ARG D 74 -48.71 21.43 -16.27
C ARG D 74 -47.63 22.15 -17.08
N LYS D 75 -47.88 23.41 -17.45
CA LYS D 75 -46.92 24.14 -18.27
C LYS D 75 -45.59 24.29 -17.54
N VAL D 76 -45.63 24.72 -16.27
CA VAL D 76 -44.40 24.87 -15.51
C VAL D 76 -43.78 23.50 -15.22
N PHE D 77 -44.61 22.46 -15.07
CA PHE D 77 -44.07 21.12 -14.84
C PHE D 77 -43.22 20.65 -16.01
N ASP D 78 -43.76 20.75 -17.23
CA ASP D 78 -42.94 20.42 -18.40
C ASP D 78 -41.84 21.43 -18.66
N PHE D 79 -41.98 22.66 -18.15
CA PHE D 79 -40.90 23.63 -18.28
C PHE D 79 -39.69 23.25 -17.44
N TYR D 80 -39.90 22.77 -16.22
CA TYR D 80 -38.79 22.37 -15.37
C TYR D 80 -38.08 21.13 -15.92
N ALA D 81 -38.81 20.23 -16.59
CA ALA D 81 -38.23 19.02 -17.15
C ALA D 81 -37.50 19.28 -18.47
N SER D 82 -37.39 20.54 -18.88
CA SER D 82 -36.66 20.88 -20.10
C SER D 82 -35.17 20.65 -19.90
N GLN D 83 -34.52 20.15 -20.95
CA GLN D 83 -33.09 19.85 -20.87
C GLN D 83 -32.27 21.10 -20.60
N GLY D 84 -32.65 22.23 -21.21
CA GLY D 84 -31.93 23.47 -20.97
C GLY D 84 -32.02 23.92 -19.52
N VAL D 85 -33.22 23.80 -18.93
CA VAL D 85 -33.38 24.16 -17.52
C VAL D 85 -32.59 23.22 -16.63
N GLN D 86 -32.58 21.92 -16.95
CA GLN D 86 -31.81 20.98 -16.15
C GLN D 86 -30.32 21.29 -16.22
N TYR D 87 -29.81 21.63 -17.41
CA TYR D 87 -28.40 21.99 -17.52
C TYR D 87 -28.09 23.31 -16.82
N PHE D 88 -29.02 24.26 -16.84
CA PHE D 88 -28.81 25.50 -16.10
C PHE D 88 -28.75 25.23 -14.59
N THR D 89 -29.63 24.35 -14.10
CA THR D 89 -29.58 24.00 -12.68
C THR D 89 -28.29 23.26 -12.34
N ALA D 90 -27.84 22.38 -13.24
CA ALA D 90 -26.57 21.70 -13.03
C ALA D 90 -25.41 22.68 -12.98
N PHE D 91 -25.42 23.67 -13.87
CA PHE D 91 -24.40 24.71 -13.84
C PHE D 91 -24.47 25.50 -12.53
N LEU D 92 -25.68 25.76 -12.04
CA LEU D 92 -25.82 26.45 -10.76
C LEU D 92 -25.23 25.63 -9.61
N ILE D 93 -25.48 24.33 -9.60
CA ILE D 93 -24.94 23.47 -8.54
C ILE D 93 -23.42 23.43 -8.62
N VAL D 94 -22.88 23.27 -9.83
CA VAL D 94 -21.42 23.24 -9.98
C VAL D 94 -20.81 24.58 -9.59
N SER D 95 -21.46 25.69 -9.94
CA SER D 95 -20.96 26.99 -9.54
C SER D 95 -20.99 27.17 -8.03
N ASN D 96 -22.03 26.67 -7.36
CA ASN D 96 -22.06 26.72 -5.91
C ASN D 96 -20.93 25.88 -5.30
N PHE D 97 -20.69 24.70 -5.87
CA PHE D 97 -19.59 23.86 -5.39
C PHE D 97 -18.24 24.57 -5.56
N ILE D 98 -18.04 25.21 -6.71
CA ILE D 98 -16.81 25.94 -6.94
C ILE D 98 -16.72 27.14 -6.02
N PHE D 99 -17.84 27.78 -5.71
CA PHE D 99 -17.84 28.88 -4.75
C PHE D 99 -17.41 28.41 -3.37
N ASN D 100 -17.92 27.27 -2.92
CA ASN D 100 -17.51 26.71 -1.63
C ASN D 100 -16.01 26.35 -1.65
N CYS D 101 -15.54 25.75 -2.75
CA CYS D 101 -14.13 25.40 -2.84
C CYS D 101 -13.25 26.64 -2.80
N ALA D 102 -13.66 27.70 -3.52
CA ALA D 102 -12.90 28.95 -3.52
C ALA D 102 -12.91 29.59 -2.14
N GLU D 103 -14.04 29.51 -1.44
CA GLU D 103 -14.10 30.03 -0.08
C GLU D 103 -13.12 29.29 0.82
N LYS D 104 -13.09 27.96 0.71
CA LYS D 104 -12.19 27.19 1.56
C LYS D 104 -10.73 27.32 1.12
N GLU D 105 -10.49 27.77 -0.10
CA GLU D 105 -9.13 27.91 -0.59
C GLU D 105 -8.54 29.28 -0.26
N TRP D 106 -9.17 30.35 -0.73
CA TRP D 106 -8.60 31.68 -0.61
C TRP D 106 -8.96 32.39 0.68
N ASP D 107 -9.90 31.86 1.47
CA ASP D 107 -10.31 32.51 2.72
C ASP D 107 -11.05 31.51 3.60
N PRO D 108 -10.34 30.52 4.17
CA PRO D 108 -10.96 29.63 5.15
C PRO D 108 -10.72 30.04 6.60
N TYR D 109 -10.03 31.15 6.83
CA TYR D 109 -9.52 31.48 8.16
C TYR D 109 -10.66 31.88 9.09
N THR D 110 -10.37 31.85 10.39
CA THR D 110 -11.35 32.31 11.37
C THR D 110 -11.60 33.81 11.22
N ASP D 111 -10.53 34.59 11.03
CA ASP D 111 -10.64 36.00 10.68
C ASP D 111 -10.69 36.10 9.17
N GLN D 112 -11.90 35.96 8.63
CA GLN D 112 -12.08 36.02 7.18
C GLN D 112 -11.85 37.43 6.65
N LEU D 113 -11.18 37.51 5.50
CA LEU D 113 -10.85 38.79 4.89
C LEU D 113 -11.99 39.33 4.04
N TYR D 114 -12.56 38.49 3.18
CA TYR D 114 -13.71 38.86 2.34
C TYR D 114 -14.90 38.08 2.90
N GLN D 115 -15.54 38.68 3.90
CA GLN D 115 -16.54 38.00 4.71
C GLN D 115 -17.92 38.07 4.07
N GLY D 116 -18.38 39.30 3.81
CA GLY D 116 -19.64 39.49 3.12
C GLY D 116 -19.66 38.86 1.75
N LEU D 117 -18.50 38.70 1.12
CA LEU D 117 -18.45 38.09 -0.20
C LEU D 117 -19.07 36.69 -0.17
N TRP D 118 -18.52 35.81 0.68
CA TRP D 118 -19.11 34.49 0.80
C TRP D 118 -20.49 34.52 1.43
N ARG D 119 -20.72 35.42 2.40
CA ARG D 119 -22.03 35.47 3.03
C ARG D 119 -23.13 35.73 1.99
N TRP D 120 -22.97 36.79 1.19
CA TRP D 120 -23.98 37.13 0.20
C TRP D 120 -23.95 36.20 -1.00
N GLY D 121 -22.81 35.57 -1.32
CA GLY D 121 -22.82 34.55 -2.35
C GLY D 121 -23.69 33.36 -1.95
N GLU D 122 -23.54 32.90 -0.72
CA GLU D 122 -24.42 31.85 -0.21
C GLU D 122 -25.87 32.33 -0.18
N PHE D 123 -26.09 33.59 0.21
CA PHE D 123 -27.43 34.15 0.21
C PHE D 123 -28.08 34.02 -1.17
N ALA D 124 -27.38 34.49 -2.20
CA ALA D 124 -27.91 34.45 -3.55
C ALA D 124 -28.10 33.02 -4.04
N PHE D 125 -27.15 32.13 -3.73
CA PHE D 125 -27.28 30.76 -4.17
C PHE D 125 -28.50 30.07 -3.54
N ASN D 126 -28.70 30.28 -2.24
CA ASN D 126 -29.87 29.70 -1.59
C ASN D 126 -31.16 30.32 -2.13
N THR D 127 -31.14 31.62 -2.42
CA THR D 127 -32.33 32.25 -2.99
C THR D 127 -32.68 31.64 -4.35
N MET D 128 -31.68 31.46 -5.20
CA MET D 128 -31.93 30.88 -6.52
C MET D 128 -32.38 29.44 -6.40
N PHE D 129 -31.80 28.68 -5.48
CA PHE D 129 -32.23 27.30 -5.27
C PHE D 129 -33.65 27.26 -4.74
N LEU D 130 -34.03 28.23 -3.89
CA LEU D 130 -35.40 28.33 -3.42
C LEU D 130 -36.36 28.58 -4.58
N ILE D 131 -36.02 29.52 -5.46
CA ILE D 131 -36.91 29.85 -6.58
C ILE D 131 -37.05 28.66 -7.51
N GLU D 132 -35.94 27.99 -7.83
CA GLU D 132 -36.01 26.81 -8.68
C GLU D 132 -36.72 25.64 -8.02
N LEU D 133 -36.55 25.45 -6.70
CA LEU D 133 -37.31 24.42 -6.00
C LEU D 133 -38.80 24.71 -6.03
N LEU D 134 -39.19 25.97 -5.81
CA LEU D 134 -40.60 26.31 -5.88
C LEU D 134 -41.15 26.06 -7.28
N ILE D 135 -40.35 26.35 -8.30
CA ILE D 135 -40.75 25.98 -9.66
C ILE D 135 -40.94 24.48 -9.77
N ASN D 136 -40.03 23.70 -9.18
CA ASN D 136 -40.15 22.24 -9.24
C ASN D 136 -41.42 21.75 -8.57
N PHE D 137 -41.74 22.28 -7.39
CA PHE D 137 -42.87 21.76 -6.64
C PHE D 137 -44.19 22.26 -7.18
N TYR D 138 -44.20 23.47 -7.78
CA TYR D 138 -45.47 24.01 -8.28
C TYR D 138 -45.99 23.17 -9.44
N GLY D 139 -45.11 22.49 -10.17
CA GLY D 139 -45.54 21.58 -11.22
C GLY D 139 -46.03 20.24 -10.71
N ILE D 140 -45.81 19.93 -9.43
CA ILE D 140 -46.27 18.69 -8.83
C ILE D 140 -47.26 18.99 -7.70
N ALA D 141 -47.82 20.20 -7.69
CA ALA D 141 -48.83 20.63 -6.72
C ALA D 141 -48.35 20.52 -5.28
N PHE D 142 -47.05 20.77 -5.05
CA PHE D 142 -46.45 20.76 -3.72
C PHE D 142 -46.59 19.42 -3.02
N CYS D 143 -46.81 18.35 -3.79
CA CYS D 143 -47.12 17.03 -3.25
C CYS D 143 -45.86 16.23 -2.90
N PHE D 144 -44.97 16.05 -3.88
CA PHE D 144 -43.68 15.38 -3.73
C PHE D 144 -43.74 14.02 -3.03
N TRP D 145 -44.93 13.39 -2.99
CA TRP D 145 -44.99 12.01 -2.55
C TRP D 145 -44.94 11.04 -3.72
N ARG D 146 -45.55 11.42 -4.85
CA ARG D 146 -45.76 10.50 -5.96
C ARG D 146 -44.63 10.51 -6.98
N TYR D 147 -43.94 11.64 -7.15
CA TYR D 147 -42.97 11.80 -8.21
C TYR D 147 -41.60 12.10 -7.63
N ASN D 148 -40.68 11.13 -7.75
CA ASN D 148 -39.28 11.29 -7.35
C ASN D 148 -39.15 11.76 -5.90
N TRP D 149 -39.64 10.91 -4.99
CA TRP D 149 -39.73 11.30 -3.58
C TRP D 149 -38.36 11.55 -2.97
N ALA D 150 -37.38 10.68 -3.25
CA ALA D 150 -36.10 10.76 -2.56
C ALA D 150 -35.32 12.00 -2.97
N TRP D 151 -35.21 12.25 -4.29
CA TRP D 151 -34.50 13.43 -4.74
C TRP D 151 -35.21 14.70 -4.28
N ASN D 152 -36.54 14.71 -4.32
CA ASN D 152 -37.27 15.89 -3.87
C ASN D 152 -37.05 16.16 -2.39
N THR D 153 -37.06 15.12 -1.55
CA THR D 153 -36.84 15.37 -0.13
C THR D 153 -35.40 15.78 0.16
N PHE D 154 -34.43 15.22 -0.57
CA PHE D 154 -33.05 15.68 -0.42
C PHE D 154 -32.92 17.15 -0.80
N ASP D 155 -33.53 17.53 -1.92
CA ASP D 155 -33.50 18.92 -2.33
C ASP D 155 -34.12 19.72 -1.23
N LEU D 156 -35.22 19.22 -0.69
CA LEU D 156 -35.92 19.99 0.32
C LEU D 156 -34.99 20.22 1.50
N VAL D 157 -34.29 19.19 1.95
CA VAL D 157 -33.45 19.35 3.14
C VAL D 157 -32.35 20.39 2.89
N VAL D 158 -31.72 20.33 1.71
CA VAL D 158 -30.68 21.30 1.42
C VAL D 158 -31.24 22.73 1.33
N VAL D 159 -32.39 22.93 0.71
CA VAL D 159 -32.92 24.29 0.68
C VAL D 159 -33.25 24.74 2.09
N ALA D 160 -33.74 23.83 2.92
CA ALA D 160 -34.09 24.17 4.28
C ALA D 160 -32.86 24.61 5.06
N ILE D 161 -31.75 23.93 4.85
CA ILE D 161 -30.56 24.42 5.54
C ILE D 161 -30.12 25.75 4.93
N GLY D 162 -30.38 25.95 3.65
CA GLY D 162 -30.06 27.23 3.01
C GLY D 162 -30.90 28.39 3.53
N THR D 163 -32.21 28.17 3.66
CA THR D 163 -33.09 29.19 4.21
C THR D 163 -32.76 29.47 5.67
N LEU D 164 -32.38 28.44 6.42
CA LEU D 164 -31.92 28.63 7.78
C LEU D 164 -30.68 29.52 7.82
N THR D 165 -29.71 29.26 6.92
CA THR D 165 -28.52 30.09 6.86
C THR D 165 -28.84 31.54 6.51
N MET D 166 -29.72 31.74 5.51
CA MET D 166 -30.10 33.11 5.16
C MET D 166 -30.84 33.80 6.30
N ALA D 167 -31.72 33.08 6.99
CA ALA D 167 -32.42 33.67 8.12
C ALA D 167 -31.46 34.06 9.24
N GLU D 168 -30.47 33.22 9.51
CA GLU D 168 -29.43 33.60 10.47
C GLU D 168 -28.60 34.80 10.02
N ALA D 169 -28.27 34.87 8.73
CA ALA D 169 -27.52 36.01 8.22
C ALA D 169 -28.34 37.30 8.26
N ILE D 170 -29.66 37.21 8.18
CA ILE D 170 -30.53 38.38 8.19
C ILE D 170 -30.86 38.83 9.61
N GLY D 171 -31.33 37.92 10.45
CA GLY D 171 -31.87 38.32 11.74
C GLY D 171 -31.22 37.71 12.97
N GLY D 172 -29.90 37.59 12.95
CA GLY D 172 -29.16 37.16 14.12
C GLY D 172 -29.09 35.64 14.25
N ASN D 173 -28.57 35.21 15.39
CA ASN D 173 -28.34 33.79 15.66
C ASN D 173 -29.55 33.20 16.39
N PHE D 174 -30.43 32.60 15.59
CA PHE D 174 -31.62 31.93 16.11
C PHE D 174 -31.36 30.47 16.49
N MET D 175 -30.13 29.98 16.33
CA MET D 175 -29.79 28.60 16.61
C MET D 175 -28.69 28.50 17.66
N PRO D 176 -28.69 27.43 18.46
CA PRO D 176 -27.56 27.21 19.37
C PRO D 176 -26.29 26.90 18.59
N PRO D 177 -25.13 27.15 19.18
CA PRO D 177 -23.88 26.89 18.45
C PRO D 177 -23.52 25.42 18.37
N SER D 178 -24.47 24.55 18.74
CA SER D 178 -24.24 23.10 18.76
C SER D 178 -24.71 22.40 17.50
N MET D 179 -25.08 23.13 16.46
CA MET D 179 -25.59 22.54 15.22
C MET D 179 -24.86 23.09 14.01
N ALA D 180 -23.54 23.27 14.14
CA ALA D 180 -22.74 23.69 12.98
C ALA D 180 -22.64 22.57 11.95
N LEU D 181 -22.64 21.32 12.39
CA LEU D 181 -22.59 20.19 11.47
C LEU D 181 -23.81 20.15 10.56
N ILE D 182 -24.95 20.66 11.00
CA ILE D 182 -26.11 20.78 10.13
C ILE D 182 -25.92 21.90 9.09
N ARG D 183 -25.35 23.04 9.49
CA ARG D 183 -24.96 24.06 8.54
C ARG D 183 -23.94 23.53 7.53
N ASN D 184 -23.19 22.51 7.92
CA ASN D 184 -22.12 21.95 7.08
C ASN D 184 -22.66 21.27 5.83
N LEU D 185 -23.98 21.04 5.75
CA LEU D 185 -24.59 20.29 4.65
C LEU D 185 -24.46 20.99 3.31
N ARG D 186 -24.08 22.27 3.29
CA ARG D 186 -23.92 22.98 2.03
C ARG D 186 -22.87 22.32 1.14
N ALA D 187 -21.91 21.62 1.73
CA ALA D 187 -20.87 20.96 0.93
C ALA D 187 -21.44 19.78 0.16
N PHE D 188 -22.55 19.21 0.62
CA PHE D 188 -23.16 18.06 -0.03
C PHE D 188 -24.21 18.44 -1.06
N ARG D 189 -24.30 19.73 -1.42
CA ARG D 189 -25.23 20.16 -2.46
C ARG D 189 -24.83 19.63 -3.83
N ILE D 190 -23.56 19.30 -4.01
CA ILE D 190 -23.09 18.84 -5.31
C ILE D 190 -23.71 17.49 -5.65
N PHE D 191 -24.18 16.75 -4.64
CA PHE D 191 -24.88 15.50 -4.90
C PHE D 191 -26.15 15.70 -5.73
N ARG D 192 -26.70 16.92 -5.74
CA ARG D 192 -27.83 17.21 -6.61
C ARG D 192 -27.44 17.11 -8.09
N LEU D 193 -26.17 17.37 -8.40
CA LEU D 193 -25.71 17.30 -9.78
C LEU D 193 -25.84 15.89 -10.34
N PHE D 194 -25.69 14.88 -9.49
CA PHE D 194 -25.72 13.50 -9.94
C PHE D 194 -27.05 13.12 -10.60
N LYS D 195 -28.14 13.79 -10.22
CA LYS D 195 -29.40 13.60 -10.92
C LYS D 195 -29.45 14.31 -12.26
N ARG D 196 -28.66 15.38 -12.42
CA ARG D 196 -28.66 16.14 -13.67
C ARG D 196 -28.01 15.36 -14.81
N ILE D 197 -26.91 14.65 -14.53
CA ILE D 197 -26.16 13.95 -15.57
C ILE D 197 -26.42 12.46 -15.43
N LYS D 198 -26.71 11.80 -16.55
CA LYS D 198 -27.14 10.42 -16.53
C LYS D 198 -26.02 9.44 -16.17
N SER D 199 -24.78 9.70 -16.59
CA SER D 199 -23.71 8.74 -16.38
C SER D 199 -23.33 8.65 -14.89
N LEU D 200 -23.16 9.81 -14.25
CA LEU D 200 -22.89 9.82 -12.81
C LEU D 200 -24.04 9.20 -12.03
N ASN D 201 -25.28 9.43 -12.47
CA ASN D 201 -26.42 8.77 -11.85
C ASN D 201 -26.33 7.27 -11.99
N LYS D 202 -25.95 6.79 -13.19
CA LYS D 202 -25.78 5.35 -13.38
C LYS D 202 -24.76 4.78 -12.42
N ILE D 203 -23.62 5.46 -12.29
CA ILE D 203 -22.54 4.94 -11.45
C ILE D 203 -22.97 4.89 -9.99
N ILE D 204 -23.58 5.98 -9.50
CA ILE D 204 -23.95 6.00 -8.08
C ILE D 204 -25.09 5.00 -7.81
N VAL D 205 -26.02 4.85 -8.75
CA VAL D 205 -27.08 3.86 -8.60
C VAL D 205 -26.52 2.45 -8.57
N SER D 206 -25.53 2.17 -9.42
CA SER D 206 -24.88 0.86 -9.39
C SER D 206 -24.16 0.62 -8.07
N LEU D 207 -23.50 1.65 -7.54
CA LEU D 207 -22.86 1.51 -6.23
C LEU D 207 -23.88 1.19 -5.15
N GLY D 208 -25.01 1.90 -5.18
CA GLY D 208 -26.05 1.66 -4.19
C GLY D 208 -26.66 0.28 -4.28
N LYS D 209 -26.83 -0.23 -5.51
CA LYS D 209 -27.39 -1.56 -5.69
C LYS D 209 -26.35 -2.67 -5.54
N ALA D 210 -25.07 -2.32 -5.46
CA ALA D 210 -24.03 -3.32 -5.18
C ALA D 210 -23.62 -3.39 -3.72
N ILE D 211 -23.89 -2.34 -2.93
CA ILE D 211 -23.57 -2.38 -1.50
C ILE D 211 -24.20 -3.57 -0.77
N PRO D 212 -25.48 -3.91 -1.00
CA PRO D 212 -26.04 -5.08 -0.28
C PRO D 212 -25.31 -6.38 -0.55
N GLY D 213 -24.72 -6.55 -1.73
CA GLY D 213 -23.90 -7.72 -1.97
C GLY D 213 -22.64 -7.70 -1.12
N VAL D 214 -22.12 -6.50 -0.88
CA VAL D 214 -20.94 -6.34 -0.04
C VAL D 214 -21.26 -6.70 1.40
N ALA D 215 -22.47 -6.35 1.85
CA ALA D 215 -22.83 -6.40 3.27
C ALA D 215 -22.37 -7.65 4.01
N ASN D 216 -22.55 -8.83 3.42
CA ASN D 216 -22.24 -10.07 4.13
C ASN D 216 -20.74 -10.25 4.35
N ALA D 217 -19.95 -10.08 3.30
CA ALA D 217 -18.50 -10.16 3.46
C ALA D 217 -17.98 -9.05 4.36
N PHE D 218 -18.62 -7.87 4.31
CA PHE D 218 -18.22 -6.77 5.18
C PHE D 218 -18.47 -7.11 6.65
N VAL D 219 -19.60 -7.75 6.95
CA VAL D 219 -19.87 -8.10 8.34
C VAL D 219 -18.94 -9.22 8.80
N ILE D 220 -18.57 -10.14 7.89
CA ILE D 220 -17.55 -11.13 8.25
C ILE D 220 -16.24 -10.44 8.58
N MET D 221 -15.84 -9.46 7.77
CA MET D 221 -14.63 -8.70 8.05
C MET D 221 -14.69 -8.05 9.42
N VAL D 222 -15.79 -7.36 9.71
CA VAL D 222 -15.84 -6.63 10.98
C VAL D 222 -15.91 -7.59 12.15
N ILE D 223 -16.51 -8.76 11.98
CA ILE D 223 -16.52 -9.77 13.03
C ILE D 223 -15.10 -10.22 13.34
N ILE D 224 -14.33 -10.53 12.30
CA ILE D 224 -12.95 -10.97 12.51
C ILE D 224 -12.10 -9.83 13.08
N MET D 225 -12.37 -8.60 12.63
CA MET D 225 -11.67 -7.44 13.15
C MET D 225 -11.91 -7.27 14.64
N CYS D 226 -13.17 -7.43 15.08
CA CYS D 226 -13.47 -7.33 16.50
C CYS D 226 -12.87 -8.47 17.30
N ILE D 227 -12.81 -9.67 16.72
CA ILE D 227 -12.13 -10.79 17.39
C ILE D 227 -10.68 -10.43 17.65
N TYR D 228 -9.98 -9.98 16.61
CA TYR D 228 -8.58 -9.62 16.77
C TYR D 228 -8.42 -8.42 17.70
N ALA D 229 -9.42 -7.53 17.74
CA ALA D 229 -9.37 -6.40 18.66
C ALA D 229 -9.46 -6.84 20.11
N ILE D 230 -10.36 -7.78 20.40
CA ILE D 230 -10.45 -8.35 21.74
C ILE D 230 -9.13 -8.98 22.14
N LEU D 231 -8.56 -9.79 21.22
CA LEU D 231 -7.29 -10.43 21.51
C LEU D 231 -6.18 -9.40 21.76
N GLY D 232 -6.14 -8.35 20.92
CA GLY D 232 -5.10 -7.35 21.08
C GLY D 232 -5.24 -6.54 22.36
N VAL D 233 -6.46 -6.20 22.74
CA VAL D 233 -6.66 -5.50 24.00
C VAL D 233 -6.23 -6.39 25.16
N GLU D 234 -6.54 -7.68 25.09
CA GLU D 234 -6.17 -8.57 26.19
C GLU D 234 -4.67 -8.75 26.28
N PHE D 235 -3.98 -8.80 25.14
CA PHE D 235 -2.54 -9.06 25.15
C PHE D 235 -1.73 -7.79 25.41
N TYR D 236 -1.85 -6.79 24.53
CA TYR D 236 -0.89 -5.72 24.44
C TYR D 236 -1.35 -4.41 25.08
N HIS D 237 -2.48 -4.39 25.78
CA HIS D 237 -2.92 -3.14 26.40
C HIS D 237 -2.01 -2.73 27.55
N MET D 238 -1.13 -3.64 27.97
CA MET D 238 -0.24 -3.43 29.10
C MET D 238 1.19 -3.20 28.62
N THR D 239 1.40 -3.18 27.31
CA THR D 239 2.75 -3.19 26.73
C THR D 239 3.38 -1.81 26.77
N GLY D 240 4.65 -1.76 27.17
CA GLY D 240 5.36 -0.49 27.27
C GLY D 240 4.71 0.46 28.24
N SER D 241 4.15 -0.07 29.32
CA SER D 241 3.33 0.74 30.21
C SER D 241 4.18 1.72 31.02
N ASP D 242 5.37 1.29 31.45
CA ASP D 242 6.27 2.20 32.13
C ASP D 242 6.65 3.36 31.22
N GLY D 243 6.48 3.18 29.91
CA GLY D 243 6.92 4.13 28.91
C GLY D 243 8.16 3.68 28.18
N THR D 244 8.91 2.75 28.76
CA THR D 244 10.08 2.17 28.13
C THR D 244 10.00 0.65 28.23
N TYR D 245 10.39 -0.04 27.17
CA TYR D 245 10.40 -1.49 27.14
C TYR D 245 11.79 -1.97 26.78
N VAL D 246 12.11 -3.20 27.16
CA VAL D 246 13.45 -3.75 27.06
C VAL D 246 13.48 -4.78 25.93
N THR D 247 14.38 -4.56 24.98
CA THR D 247 14.72 -5.54 23.96
C THR D 247 16.11 -6.09 24.27
N TYR D 248 16.31 -7.36 23.90
CA TYR D 248 17.52 -8.08 24.28
C TYR D 248 18.43 -8.26 23.07
N ASN D 249 19.65 -7.76 23.17
CA ASN D 249 20.65 -7.92 22.13
C ASN D 249 21.19 -9.35 22.15
N ASP D 250 21.98 -9.67 21.13
CA ASP D 250 22.68 -10.94 21.03
C ASP D 250 24.13 -10.70 20.68
N ASN D 251 24.73 -9.71 21.34
CA ASN D 251 26.02 -9.18 20.90
C ASN D 251 27.14 -10.21 21.03
N VAL D 252 27.18 -10.94 22.15
CA VAL D 252 28.28 -11.87 22.38
C VAL D 252 28.33 -12.94 21.30
N LYS D 253 27.18 -13.51 20.94
CA LYS D 253 27.19 -14.57 19.95
C LYS D 253 27.49 -14.02 18.56
N ARG D 254 27.35 -12.71 18.37
CA ARG D 254 27.66 -12.10 17.09
C ARG D 254 29.08 -11.58 17.13
N GLY D 255 29.73 -11.71 18.27
CA GLY D 255 31.13 -11.31 18.34
C GLY D 255 31.38 -9.82 18.46
N LEU D 256 30.33 -9.00 18.60
CA LEU D 256 30.53 -7.57 18.76
C LEU D 256 31.26 -7.25 20.07
N CYS D 257 30.90 -7.93 21.15
CA CYS D 257 31.56 -7.77 22.42
C CYS D 257 31.85 -9.15 23.02
N THR D 258 32.96 -9.23 23.74
CA THR D 258 33.36 -10.51 24.33
C THR D 258 32.42 -10.88 25.47
N GLY D 259 32.32 -12.19 25.73
CA GLY D 259 31.42 -12.65 26.78
C GLY D 259 31.90 -12.27 28.16
N ASP D 260 33.21 -12.00 28.29
CA ASP D 260 33.76 -11.64 29.60
C ASP D 260 33.24 -10.29 30.08
N GLU D 261 33.18 -9.31 29.17
CA GLU D 261 32.84 -7.95 29.60
C GLU D 261 31.35 -7.80 29.88
N VAL D 262 30.51 -8.62 29.22
CA VAL D 262 29.08 -8.55 29.47
C VAL D 262 28.76 -8.96 30.90
N GLU D 263 29.33 -10.06 31.37
CA GLU D 263 29.21 -10.41 32.78
C GLU D 263 29.97 -9.41 33.65
N LEU D 264 31.12 -8.93 33.16
CA LEU D 264 31.98 -8.06 33.93
C LEU D 264 31.38 -6.65 34.07
N GLY D 265 30.53 -6.26 33.11
CA GLY D 265 29.78 -5.03 33.23
C GLY D 265 30.13 -3.92 32.25
N GLN D 266 31.02 -4.18 31.29
CA GLN D 266 31.32 -3.16 30.29
C GLN D 266 30.18 -3.02 29.28
N CYS D 267 29.58 -4.14 28.88
CA CYS D 267 28.50 -4.15 27.90
C CYS D 267 27.34 -4.98 28.44
N SER D 268 26.18 -4.80 27.82
CA SER D 268 24.97 -5.49 28.24
C SER D 268 24.23 -6.03 27.02
N LEU D 269 23.51 -7.12 27.23
CA LEU D 269 22.66 -7.72 26.21
C LEU D 269 21.25 -7.14 26.17
N ASN D 270 20.95 -6.19 27.05
CA ASN D 270 19.58 -5.65 27.13
C ASN D 270 19.39 -4.14 27.15
N GLN D 271 19.27 -3.53 25.97
CA GLN D 271 19.02 -2.09 25.92
C GLN D 271 17.55 -1.76 26.18
N THR D 272 17.29 -0.60 26.75
CA THR D 272 15.93 -0.20 27.06
C THR D 272 15.50 0.91 26.13
N VAL D 273 14.38 0.74 25.46
CA VAL D 273 13.95 1.73 24.48
C VAL D 273 12.53 2.23 24.73
N SER D 274 12.31 3.54 24.63
CA SER D 274 11.00 4.13 24.89
C SER D 274 9.85 3.58 24.05
N SER D 275 8.68 3.47 24.65
CA SER D 275 7.51 3.00 23.94
C SER D 275 6.60 4.16 23.61
N GLU D 276 6.88 5.34 24.15
CA GLU D 276 5.98 6.45 23.89
C GLU D 276 5.85 6.69 22.40
N THR D 277 4.64 7.05 21.98
CA THR D 277 4.32 7.25 20.57
C THR D 277 4.38 8.74 20.22
N ALA D 278 4.05 9.06 18.97
CA ALA D 278 4.02 10.45 18.54
C ALA D 278 2.87 11.21 19.17
N ARG D 279 1.84 10.50 19.63
CA ARG D 279 0.70 11.12 20.26
C ARG D 279 0.86 11.28 21.77
N GLY D 280 2.00 10.89 22.32
CA GLY D 280 2.27 11.00 23.73
C GLY D 280 1.90 9.79 24.55
N TYR D 281 1.05 8.91 24.03
CA TYR D 281 0.67 7.70 24.73
C TYR D 281 1.79 6.66 24.65
N THR D 282 1.70 5.66 25.54
CA THR D 282 2.52 4.47 25.38
C THR D 282 1.96 3.62 24.25
N TYR D 283 2.72 2.58 23.87
CA TYR D 283 2.31 1.75 22.75
C TYR D 283 0.99 1.05 23.04
N GLY D 284 0.89 0.36 24.17
CA GLY D 284 -0.33 -0.36 24.48
C GLY D 284 -1.53 0.57 24.65
N GLU D 285 -1.34 1.65 25.40
CA GLU D 285 -2.45 2.55 25.71
C GLU D 285 -3.05 3.16 24.45
N GLU D 286 -2.22 3.50 23.48
CA GLU D 286 -2.74 4.09 22.26
C GLU D 286 -3.27 3.02 21.31
N TYR D 287 -2.41 2.10 20.86
CA TYR D 287 -2.83 1.18 19.81
C TYR D 287 -3.91 0.22 20.31
N TYR D 288 -3.71 -0.42 21.46
CA TYR D 288 -4.65 -1.40 21.98
C TYR D 288 -5.11 -1.07 23.39
N GLY D 289 -5.22 0.22 23.72
CA GLY D 289 -5.63 0.60 25.07
C GLY D 289 -7.04 0.16 25.40
N THR D 290 -7.98 0.40 24.48
CA THR D 290 -9.37 -0.03 24.64
C THR D 290 -9.78 -0.80 23.40
N PHE D 291 -11.02 -1.31 23.41
CA PHE D 291 -11.49 -2.09 22.28
C PHE D 291 -11.62 -1.25 21.03
N PHE D 292 -12.08 0.00 21.15
CA PHE D 292 -12.24 0.83 19.96
C PHE D 292 -10.91 1.34 19.45
N ARG D 293 -9.97 1.65 20.34
CA ARG D 293 -8.61 1.96 19.91
C ARG D 293 -8.00 0.77 19.18
N ALA D 294 -8.22 -0.43 19.70
CA ALA D 294 -7.71 -1.63 19.04
C ALA D 294 -8.35 -1.83 17.67
N LEU D 295 -9.65 -1.60 17.57
CA LEU D 295 -10.34 -1.75 16.29
C LEU D 295 -9.82 -0.74 15.27
N TYR D 296 -9.57 0.50 15.71
CA TYR D 296 -9.00 1.49 14.83
C TYR D 296 -7.59 1.10 14.38
N THR D 297 -6.77 0.59 15.31
CA THR D 297 -5.43 0.17 14.95
C THR D 297 -5.45 -0.99 13.97
N LEU D 298 -6.40 -1.91 14.15
CA LEU D 298 -6.52 -3.02 13.21
C LEU D 298 -7.03 -2.55 11.86
N PHE D 299 -7.87 -1.50 11.83
CA PHE D 299 -8.24 -0.91 10.55
C PHE D 299 -7.03 -0.29 9.86
N GLN D 300 -6.18 0.37 10.64
CA GLN D 300 -4.94 0.92 10.11
C GLN D 300 -4.08 -0.18 9.50
N VAL D 301 -3.96 -1.31 10.21
CA VAL D 301 -3.19 -2.44 9.69
C VAL D 301 -3.86 -3.02 8.44
N LEU D 302 -5.20 -3.07 8.43
CA LEU D 302 -5.93 -3.58 7.29
C LEU D 302 -5.66 -2.75 6.04
N THR D 303 -5.65 -1.43 6.18
CA THR D 303 -5.28 -0.58 5.05
C THR D 303 -3.81 -0.75 4.69
N GLY D 304 -2.99 -1.20 5.64
CA GLY D 304 -1.58 -1.44 5.41
C GLY D 304 -0.66 -0.31 5.83
N GLU D 305 -1.13 0.63 6.63
CA GLU D 305 -0.35 1.81 6.98
C GLU D 305 0.49 1.54 8.22
N SER D 306 1.80 1.53 8.05
CA SER D 306 2.76 1.53 9.16
C SER D 306 2.47 0.44 10.19
N TRP D 307 2.01 -0.72 9.72
CA TRP D 307 1.65 -1.78 10.64
C TRP D 307 2.87 -2.41 11.30
N SER D 308 4.05 -2.29 10.70
CA SER D 308 5.25 -2.92 11.23
C SER D 308 6.06 -1.98 12.12
N GLU D 309 6.53 -0.87 11.56
CA GLU D 309 7.48 -0.02 12.28
C GLU D 309 6.85 0.66 13.49
N ALA D 310 5.52 0.70 13.56
CA ALA D 310 4.81 1.33 14.67
C ALA D 310 3.96 0.36 15.46
N VAL D 311 3.20 -0.50 14.78
CA VAL D 311 2.24 -1.36 15.47
C VAL D 311 2.84 -2.72 15.80
N ALA D 312 3.46 -3.38 14.82
CA ALA D 312 3.85 -4.76 15.03
C ALA D 312 5.22 -4.90 15.71
N ARG D 313 6.27 -4.32 15.13
CA ARG D 313 7.64 -4.62 15.54
C ARG D 313 7.94 -4.37 17.02
N PRO D 314 7.49 -3.28 17.64
CA PRO D 314 7.71 -3.16 19.09
C PRO D 314 7.12 -4.31 19.89
N ALA D 315 5.93 -4.79 19.51
CA ALA D 315 5.34 -5.92 20.20
C ALA D 315 6.07 -7.22 19.86
N VAL D 316 6.51 -7.36 18.61
CA VAL D 316 7.22 -8.56 18.18
C VAL D 316 8.51 -8.71 18.97
N PHE D 317 9.28 -7.63 19.09
CA PHE D 317 10.56 -7.69 19.76
C PHE D 317 10.46 -7.41 21.25
N GLU D 318 9.26 -7.08 21.76
CA GLU D 318 9.03 -7.14 23.20
C GLU D 318 9.16 -8.56 23.74
N SER D 319 8.61 -9.54 23.02
CA SER D 319 8.73 -10.95 23.42
C SER D 319 10.16 -11.39 23.23
N HIS D 320 10.84 -11.71 24.33
CA HIS D 320 12.24 -12.10 24.27
C HIS D 320 12.41 -13.36 23.42
N TYR D 321 11.81 -14.46 23.86
CA TYR D 321 11.81 -15.71 23.10
C TYR D 321 10.43 -16.15 22.67
N ASP D 322 9.37 -15.48 23.14
CA ASP D 322 8.00 -15.78 22.75
C ASP D 322 7.57 -14.98 21.52
N SER D 323 8.51 -14.62 20.65
CA SER D 323 8.21 -13.75 19.52
C SER D 323 7.17 -14.34 18.59
N PHE D 324 6.99 -15.67 18.60
CA PHE D 324 6.00 -16.30 17.73
C PHE D 324 4.59 -15.76 17.96
N GLY D 325 4.31 -15.27 19.18
CA GLY D 325 3.01 -14.73 19.50
C GLY D 325 2.63 -13.54 18.63
N PRO D 326 3.35 -12.43 18.77
CA PRO D 326 3.04 -11.25 17.94
C PRO D 326 3.21 -11.48 16.45
N VAL D 327 4.24 -12.21 16.03
CA VAL D 327 4.42 -12.45 14.59
C VAL D 327 3.22 -13.22 14.04
N LEU D 328 2.81 -14.29 14.72
CA LEU D 328 1.65 -15.03 14.23
C LEU D 328 0.39 -14.18 14.30
N PHE D 329 0.21 -13.41 15.38
CA PHE D 329 -0.91 -12.47 15.48
C PHE D 329 -1.02 -11.61 14.24
N TYR D 330 -0.01 -10.78 14.00
CA TYR D 330 -0.10 -9.81 12.91
C TYR D 330 -0.04 -10.46 11.54
N VAL D 331 0.74 -11.54 11.38
CA VAL D 331 0.83 -12.20 10.08
C VAL D 331 -0.51 -12.82 9.70
N SER D 332 -1.12 -13.56 10.63
CA SER D 332 -2.43 -14.16 10.34
C SER D 332 -3.48 -13.08 10.14
N PHE D 333 -3.46 -12.03 10.95
CA PHE D 333 -4.40 -10.93 10.77
C PHE D 333 -4.28 -10.33 9.38
N ILE D 334 -3.05 -9.96 8.98
CA ILE D 334 -2.83 -9.34 7.68
C ILE D 334 -3.28 -10.28 6.58
N ILE D 335 -2.79 -11.52 6.58
CA ILE D 335 -3.13 -12.46 5.53
C ILE D 335 -4.64 -12.58 5.42
N ILE D 336 -5.29 -13.09 6.47
CA ILE D 336 -6.72 -13.34 6.41
C ILE D 336 -7.47 -12.06 6.06
N CYS D 337 -7.47 -11.08 6.98
CA CYS D 337 -8.29 -9.89 6.78
C CYS D 337 -7.87 -9.16 5.51
N GLN D 338 -6.67 -8.57 5.50
CA GLN D 338 -6.29 -7.73 4.38
C GLN D 338 -6.41 -8.52 3.08
N ILE D 339 -5.57 -9.52 2.87
CA ILE D 339 -5.52 -10.14 1.56
C ILE D 339 -6.87 -10.77 1.25
N VAL D 340 -7.24 -11.79 2.03
CA VAL D 340 -8.41 -12.59 1.64
C VAL D 340 -9.66 -11.73 1.66
N LEU D 341 -9.95 -11.09 2.80
CA LEU D 341 -11.23 -10.44 2.96
C LEU D 341 -11.34 -9.18 2.11
N ILE D 342 -10.30 -8.34 2.08
CA ILE D 342 -10.36 -7.15 1.23
C ILE D 342 -10.56 -7.54 -0.22
N ASN D 343 -9.80 -8.51 -0.72
CA ASN D 343 -9.97 -8.87 -2.13
C ASN D 343 -11.33 -9.50 -2.39
N VAL D 344 -11.86 -10.28 -1.45
CA VAL D 344 -13.19 -10.87 -1.64
C VAL D 344 -14.25 -9.79 -1.69
N VAL D 345 -14.19 -8.82 -0.77
CA VAL D 345 -15.18 -7.75 -0.72
C VAL D 345 -15.12 -6.93 -2.00
N VAL D 346 -13.92 -6.56 -2.44
CA VAL D 346 -13.82 -5.78 -3.65
C VAL D 346 -14.31 -6.59 -4.85
N ALA D 347 -14.01 -7.90 -4.89
CA ALA D 347 -14.45 -8.72 -6.00
C ALA D 347 -15.97 -8.79 -6.08
N VAL D 348 -16.63 -8.99 -4.92
CA VAL D 348 -18.09 -9.08 -4.95
C VAL D 348 -18.71 -7.72 -5.27
N LEU D 349 -18.13 -6.63 -4.76
CA LEU D 349 -18.63 -5.30 -5.10
C LEU D 349 -18.57 -5.06 -6.60
N LEU D 350 -17.39 -5.25 -7.19
CA LEU D 350 -17.24 -5.00 -8.61
C LEU D 350 -18.07 -5.95 -9.45
N ASP D 351 -18.22 -7.21 -9.00
CA ASP D 351 -19.05 -8.16 -9.70
C ASP D 351 -20.50 -7.69 -9.75
N LYS D 352 -21.03 -7.24 -8.60
CA LYS D 352 -22.40 -6.74 -8.59
C LYS D 352 -22.55 -5.51 -9.48
N MET D 353 -21.57 -4.60 -9.45
CA MET D 353 -21.69 -3.41 -10.29
C MET D 353 -21.70 -3.75 -11.77
N VAL D 354 -20.80 -4.64 -12.21
CA VAL D 354 -20.79 -4.96 -13.64
C VAL D 354 -21.96 -5.83 -14.04
N GLU D 355 -22.49 -6.65 -13.12
CA GLU D 355 -23.74 -7.35 -13.40
C GLU D 355 -24.90 -6.38 -13.54
N GLU D 356 -24.86 -5.26 -12.83
CA GLU D 356 -25.85 -4.21 -13.02
C GLU D 356 -25.59 -3.38 -14.27
N ASP D 357 -24.35 -3.37 -14.76
CA ASP D 357 -24.02 -2.60 -15.96
C ASP D 357 -24.79 -3.12 -17.17
N ASP D 358 -24.83 -4.45 -17.34
CA ASP D 358 -25.51 -5.05 -18.47
C ASP D 358 -26.81 -5.72 -18.03
N ILE E 1 -7.33 -5.55 -6.88
CA ILE E 1 -8.41 -6.52 -7.00
C ILE E 1 -9.02 -6.38 -8.38
N ALA E 2 -9.20 -5.12 -8.78
CA ALA E 2 -9.73 -4.83 -10.11
C ALA E 2 -8.88 -5.48 -11.18
N ALA E 3 -7.56 -5.51 -10.98
CA ALA E 3 -6.70 -6.29 -11.87
C ALA E 3 -7.01 -7.77 -11.77
N ILE E 4 -7.23 -8.26 -10.55
CA ILE E 4 -7.59 -9.66 -10.36
C ILE E 4 -9.02 -9.93 -10.83
N HIS E 5 -9.96 -9.10 -10.38
CA HIS E 5 -11.37 -9.31 -10.66
C HIS E 5 -11.65 -9.27 -12.17
N ASN E 6 -11.04 -8.31 -12.88
CA ASN E 6 -11.22 -8.23 -14.32
C ASN E 6 -10.64 -9.43 -15.05
N ALA E 7 -9.50 -9.96 -14.57
CA ALA E 7 -8.91 -11.14 -15.19
C ALA E 7 -9.86 -12.32 -15.13
N ARG E 8 -10.54 -12.49 -14.00
CA ARG E 8 -11.54 -13.55 -13.87
C ARG E 8 -12.76 -13.27 -14.75
N ARG E 9 -13.06 -12.00 -14.95
CA ARG E 9 -14.15 -11.62 -15.87
C ARG E 9 -13.85 -12.03 -17.28
N LYS E 10 -12.61 -11.81 -17.72
CA LYS E 10 -12.20 -12.17 -19.06
C LYS E 10 -12.57 -13.62 -19.35
N LYS E 11 -12.48 -14.47 -18.31
CA LYS E 11 -12.85 -15.87 -18.46
C LYS E 11 -14.37 -16.07 -18.46
N ARG E 12 -15.13 -15.21 -17.77
CA ARG E 12 -16.57 -15.38 -17.77
C ARG E 12 -17.17 -15.15 -19.16
N GLU E 13 -16.85 -14.00 -19.76
CA GLU E 13 -17.38 -13.72 -21.10
C GLU E 13 -16.74 -14.61 -22.15
N ALA E 14 -15.48 -15.00 -21.96
CA ALA E 14 -14.89 -16.00 -22.85
C ALA E 14 -15.65 -17.31 -22.75
N ALA E 15 -16.01 -17.73 -21.53
CA ALA E 15 -16.90 -18.87 -21.37
C ALA E 15 -18.30 -18.55 -21.89
N ALA E 16 -18.79 -17.34 -21.65
CA ALA E 16 -20.11 -16.95 -22.12
C ALA E 16 -20.17 -16.96 -23.64
N ALA E 17 -19.13 -16.44 -24.30
CA ALA E 17 -19.10 -16.45 -25.76
C ALA E 17 -18.97 -17.87 -26.30
N HIS E 18 -18.32 -18.77 -25.55
CA HIS E 18 -18.16 -20.14 -26.00
C HIS E 18 -19.51 -20.85 -26.08
N LYS E 19 -20.34 -20.69 -25.07
CA LYS E 19 -21.66 -21.33 -25.10
C LYS E 19 -22.61 -20.61 -26.04
N ALA E 20 -22.49 -19.28 -26.15
CA ALA E 20 -23.33 -18.51 -27.05
C ALA E 20 -22.76 -18.50 -28.46
#